data_4KQ7
#
_entry.id   4KQ7
#
_cell.length_a   133.926
_cell.length_b   133.926
_cell.length_c   133.926
_cell.angle_alpha   90.000
_cell.angle_beta   90.000
_cell.angle_gamma   90.000
#
_symmetry.space_group_name_H-M   'P 21 3'
#
loop_
_entity.id
_entity.type
_entity.pdbx_description
1 polymer 'hypothetical protein'
2 non-polymer 'SODIUM ION'
3 non-polymer 'TETRAETHYLENE GLYCOL'
4 non-polymer DI(HYDROXYETHYL)ETHER
5 non-polymer 'PENTAETHYLENE GLYCOL'
6 water water
#
_entity_poly.entity_id   1
_entity_poly.type   'polypeptide(L)'
_entity_poly.pdbx_seq_one_letter_code
;GQSN(MSE)TNE(MSE)FDLAKLKSGVKNKRISSTDPTGGNRDHLEPFKPGEKRIIADIKG(MSE)GVINHIWVTIAPPP
PTLSRNDIIIR(MSE)YWDGNDYPSVESPIGPFFGQGWDERYNYASLPLSAGPENGTGLSCYFA(MSE)PFEKGARIEIE
NQSDRNIDAFYFYVDYLE(MSE)AKLPKD(MSE)GRFHAWYNHNLTEALPEGETEWGVTGAQKPNTTGERNYVF(MSE)E
TQGKGHFVGINYYVHCPTP(MSE)WYGEGDD(MSE)WFIDGEKVPSLIGTGTEDFFNTAWCPKEAFSHPYFGYPRVNNDI
GWLGRTHVYRFFIEDPIFFEKSLKGTIEHGSNNNLTLDLSTVAYWYQDSAVALPEAPTKAQRAPKPFINHVDIHRWRDAW
RKSKGNKATLWGNE
;
_entity_poly.pdbx_strand_id   A,B
#
# COMPACT_ATOMS: atom_id res chain seq x y z
N GLN A 2 42.31 43.83 -12.77
CA GLN A 2 40.87 43.75 -12.59
C GLN A 2 40.49 42.61 -11.65
N SER A 3 39.50 42.87 -10.78
CA SER A 3 38.96 41.87 -9.86
C SER A 3 38.44 40.65 -10.62
N ASN A 4 38.66 39.44 -10.09
CA ASN A 4 38.12 38.25 -10.73
C ASN A 4 36.79 37.83 -10.05
N THR A 6 33.15 36.85 -9.20
CA THR A 6 32.15 36.19 -10.04
C THR A 6 31.27 35.31 -9.18
N ASN A 7 30.03 35.14 -9.61
CA ASN A 7 29.02 34.18 -9.17
C ASN A 7 27.75 34.48 -9.98
N GLU A 8 26.72 33.66 -9.83
CA GLU A 8 25.52 33.83 -10.65
C GLU A 8 24.90 35.24 -10.53
N PHE A 10 26.25 38.04 -9.21
CA PHE A 10 27.22 39.08 -9.54
C PHE A 10 27.31 39.24 -11.06
N ASP A 11 27.42 38.10 -11.78
CA ASP A 11 27.56 38.13 -13.24
C ASP A 11 26.29 38.61 -13.91
N LEU A 12 25.12 38.36 -13.29
CA LEU A 12 23.85 38.84 -13.86
C LEU A 12 23.86 40.36 -13.97
N ALA A 13 24.55 41.05 -13.04
CA ALA A 13 24.63 42.52 -13.02
C ALA A 13 25.59 43.07 -14.10
N LYS A 14 26.33 42.19 -14.81
CA LYS A 14 27.23 42.67 -15.88
C LYS A 14 26.48 42.85 -17.19
N LEU A 15 26.76 43.95 -17.89
CA LEU A 15 26.17 44.17 -19.22
C LEU A 15 26.71 43.14 -20.18
N LYS A 16 25.86 42.62 -21.09
CA LYS A 16 26.27 41.58 -22.02
C LYS A 16 26.32 42.08 -23.45
N SER A 17 27.31 41.59 -24.21
CA SER A 17 27.44 41.98 -25.63
C SER A 17 27.12 40.82 -26.58
N GLY A 18 26.77 41.18 -27.81
CA GLY A 18 26.57 40.21 -28.89
C GLY A 18 25.39 39.27 -28.82
N VAL A 19 24.33 39.66 -28.08
CA VAL A 19 23.12 38.85 -27.94
C VAL A 19 21.86 39.70 -28.25
N LYS A 20 20.85 39.08 -28.87
CA LYS A 20 19.59 39.73 -29.20
C LYS A 20 18.46 38.73 -28.99
N ASN A 21 17.43 39.08 -28.20
CA ASN A 21 16.31 38.15 -27.98
C ASN A 21 15.46 37.95 -29.21
N LYS A 22 15.07 36.68 -29.41
CA LYS A 22 14.09 36.28 -30.40
C LYS A 22 13.16 35.28 -29.75
N ARG A 23 11.96 35.14 -30.29
CA ARG A 23 11.03 34.14 -29.77
C ARG A 23 10.12 33.67 -30.85
N ILE A 24 10.02 32.34 -30.96
CA ILE A 24 9.06 31.65 -31.83
CA ILE A 24 9.01 31.73 -31.83
C ILE A 24 7.97 31.17 -30.88
N SER A 25 6.69 31.49 -31.12
CA SER A 25 5.64 31.02 -30.24
C SER A 25 4.40 30.65 -31.03
N SER A 26 3.40 30.05 -30.37
CA SER A 26 2.16 29.67 -31.00
C SER A 26 1.15 30.83 -30.91
N THR A 27 1.64 32.07 -30.64
CA THR A 27 0.82 33.28 -30.57
C THR A 27 -0.14 33.36 -31.78
N ASP A 28 -1.39 33.77 -31.55
CA ASP A 28 -2.36 33.93 -32.64
C ASP A 28 -1.86 35.02 -33.59
N PRO A 29 -1.51 34.68 -34.86
CA PRO A 29 -0.97 35.71 -35.78
C PRO A 29 -1.96 36.84 -36.10
N THR A 30 -3.27 36.61 -35.89
CA THR A 30 -4.28 37.65 -36.17
C THR A 30 -4.40 38.67 -35.03
N GLY A 31 -3.84 38.32 -33.87
CA GLY A 31 -3.96 39.16 -32.67
C GLY A 31 -5.15 38.73 -31.80
N GLY A 32 -5.87 37.69 -32.23
CA GLY A 32 -6.97 37.13 -31.47
C GLY A 32 -6.45 36.28 -30.33
N ASN A 33 -7.32 35.46 -29.72
CA ASN A 33 -6.94 34.67 -28.55
C ASN A 33 -6.82 33.17 -28.87
N ARG A 34 -6.57 32.82 -30.15
CA ARG A 34 -6.36 31.41 -30.52
C ARG A 34 -4.84 31.19 -30.53
N ASP A 35 -4.23 31.27 -29.33
CA ASP A 35 -2.79 31.30 -29.16
C ASP A 35 -2.15 29.90 -29.12
N HIS A 36 -2.62 29.03 -29.99
CA HIS A 36 -2.11 27.66 -30.11
C HIS A 36 -2.10 27.29 -31.58
N LEU A 37 -1.34 26.26 -31.92
CA LEU A 37 -1.28 25.79 -33.29
C LEU A 37 -2.55 25.08 -33.67
N GLU A 38 -2.77 24.94 -34.99
CA GLU A 38 -3.92 24.18 -35.49
C GLU A 38 -3.79 22.70 -35.08
N PRO A 39 -4.91 21.95 -34.99
CA PRO A 39 -4.79 20.56 -34.52
C PRO A 39 -3.88 19.69 -35.37
N PHE A 40 -3.27 18.71 -34.72
CA PHE A 40 -2.47 17.68 -35.37
C PHE A 40 -3.32 16.46 -35.50
N LYS A 41 -3.47 15.94 -36.71
CA LYS A 41 -4.22 14.70 -36.87
C LYS A 41 -3.32 13.52 -36.42
N PRO A 42 -3.87 12.32 -36.13
CA PRO A 42 -3.01 11.17 -35.82
C PRO A 42 -1.95 10.94 -36.92
N GLY A 43 -0.69 10.79 -36.49
CA GLY A 43 0.43 10.57 -37.39
C GLY A 43 1.08 11.81 -37.96
N GLU A 44 0.44 12.99 -37.80
CA GLU A 44 0.95 14.22 -38.39
C GLU A 44 2.22 14.72 -37.71
N LYS A 45 3.17 15.17 -38.55
CA LYS A 45 4.44 15.81 -38.15
C LYS A 45 4.38 17.28 -38.55
N ARG A 46 5.04 18.15 -37.81
CA ARG A 46 5.12 19.56 -38.17
C ARG A 46 6.39 20.19 -37.64
N ILE A 47 7.03 21.05 -38.43
CA ILE A 47 8.17 21.83 -37.95
C ILE A 47 7.55 23.05 -37.27
N ILE A 48 7.71 23.13 -35.95
CA ILE A 48 7.09 24.23 -35.18
C ILE A 48 8.03 25.45 -35.06
N ALA A 49 9.34 25.26 -35.25
CA ALA A 49 10.33 26.35 -35.17
C ALA A 49 11.42 26.09 -36.16
N ASP A 50 11.68 27.07 -37.02
CA ASP A 50 12.71 26.96 -38.05
C ASP A 50 13.55 28.23 -37.97
N ILE A 51 14.69 28.12 -37.32
CA ILE A 51 15.57 29.25 -37.04
C ILE A 51 16.77 29.21 -37.97
N LYS A 52 17.16 30.36 -38.52
CA LYS A 52 18.34 30.43 -39.38
C LYS A 52 19.53 30.99 -38.62
N GLY A 53 20.72 30.68 -39.08
CA GLY A 53 21.93 31.27 -38.51
C GLY A 53 22.37 30.75 -37.14
N GLY A 55 22.83 31.00 -32.88
CA GLY A 55 22.09 31.40 -31.69
C GLY A 55 22.15 30.36 -30.60
N VAL A 56 21.44 30.64 -29.52
CA VAL A 56 21.37 29.73 -28.38
C VAL A 56 19.95 29.74 -27.84
N ILE A 57 19.26 28.62 -27.90
CA ILE A 57 17.93 28.50 -27.28
C ILE A 57 18.18 28.44 -25.76
N ASN A 58 17.42 29.23 -24.96
CA ASN A 58 17.69 29.16 -23.53
C ASN A 58 16.42 29.10 -22.68
N HIS A 59 15.23 28.98 -23.33
CA HIS A 59 13.99 28.74 -22.59
C HIS A 59 12.97 28.19 -23.54
N ILE A 60 12.38 27.05 -23.17
CA ILE A 60 11.28 26.44 -23.91
C ILE A 60 10.14 26.20 -22.94
N TRP A 61 8.91 26.56 -23.33
CA TRP A 61 7.72 26.23 -22.58
C TRP A 61 6.72 25.58 -23.54
N VAL A 62 6.01 24.55 -23.06
CA VAL A 62 5.00 23.85 -23.88
C VAL A 62 3.80 23.50 -23.01
N THR A 63 2.60 23.49 -23.62
CA THR A 63 1.46 22.80 -23.03
C THR A 63 0.62 22.24 -24.17
N ILE A 64 -0.22 21.28 -23.85
CA ILE A 64 -0.96 20.51 -24.82
C ILE A 64 -2.41 20.30 -24.35
N ALA A 65 -3.33 20.33 -25.31
CA ALA A 65 -4.73 19.99 -25.07
C ALA A 65 -5.15 18.90 -26.06
N PRO A 66 -5.94 17.91 -25.63
CA PRO A 66 -6.42 17.65 -24.26
C PRO A 66 -5.26 17.23 -23.33
N PRO A 67 -5.50 17.27 -22.01
CA PRO A 67 -4.43 16.87 -21.08
C PRO A 67 -4.39 15.34 -20.89
N PRO A 68 -3.38 14.80 -20.18
CA PRO A 68 -3.40 13.37 -19.88
C PRO A 68 -4.53 13.06 -18.87
N PRO A 69 -5.10 11.83 -18.81
CA PRO A 69 -4.78 10.63 -19.60
C PRO A 69 -5.43 10.60 -21.00
N THR A 70 -6.34 11.55 -21.30
CA THR A 70 -7.05 11.61 -22.60
C THR A 70 -6.02 11.60 -23.75
N LEU A 71 -4.99 12.46 -23.66
CA LEU A 71 -3.94 12.50 -24.67
C LEU A 71 -2.63 12.27 -23.95
N SER A 72 -2.02 11.09 -24.18
CA SER A 72 -0.78 10.73 -23.50
C SER A 72 0.40 11.50 -24.10
N ARG A 73 1.19 12.14 -23.24
CA ARG A 73 2.38 12.86 -23.71
C ARG A 73 3.54 11.87 -23.99
N ASN A 74 3.31 10.56 -23.75
CA ASN A 74 4.26 9.55 -24.15
C ASN A 74 4.16 9.32 -25.67
N ASP A 75 3.03 9.77 -26.27
CA ASP A 75 2.80 9.48 -27.69
C ASP A 75 2.88 10.72 -28.59
N ILE A 76 3.52 11.78 -28.12
CA ILE A 76 3.81 13.00 -28.87
C ILE A 76 5.32 13.09 -28.83
N ILE A 77 5.96 13.09 -29.99
CA ILE A 77 7.42 13.10 -30.05
C ILE A 77 7.92 14.50 -30.32
N ILE A 78 9.00 14.90 -29.62
CA ILE A 78 9.71 16.13 -29.90
C ILE A 78 11.07 15.74 -30.50
N ARG A 79 11.45 16.42 -31.58
CA ARG A 79 12.76 16.20 -32.22
C ARG A 79 13.40 17.55 -32.51
N TYR A 81 16.78 19.32 -34.61
CA TYR A 81 17.83 19.16 -35.64
C TYR A 81 18.72 20.37 -35.64
N TRP A 82 20.03 20.18 -35.50
CA TRP A 82 20.94 21.34 -35.48
C TRP A 82 21.75 21.42 -36.75
N ASP A 83 22.16 22.66 -37.10
CA ASP A 83 23.15 22.95 -38.12
C ASP A 83 22.82 22.36 -39.51
N GLY A 84 21.52 22.25 -39.81
CA GLY A 84 21.03 21.78 -41.10
C GLY A 84 21.08 20.27 -41.31
N ASN A 85 21.36 19.50 -40.25
CA ASN A 85 21.43 18.03 -40.37
C ASN A 85 20.07 17.42 -40.64
N ASP A 86 20.07 16.27 -41.35
CA ASP A 86 18.83 15.57 -41.70
C ASP A 86 18.43 14.57 -40.60
N TYR A 87 19.26 14.44 -39.55
CA TYR A 87 19.00 13.58 -38.41
C TYR A 87 18.76 14.43 -37.18
N PRO A 88 17.90 13.99 -36.26
CA PRO A 88 17.73 14.75 -35.01
C PRO A 88 18.84 14.44 -34.00
N SER A 89 19.26 15.44 -33.20
CA SER A 89 20.20 15.24 -32.09
C SER A 89 19.43 15.17 -30.75
N VAL A 90 18.13 15.52 -30.80
CA VAL A 90 17.18 15.38 -29.70
C VAL A 90 16.02 14.57 -30.24
N GLU A 91 15.66 13.48 -29.57
CA GLU A 91 14.49 12.68 -29.97
C GLU A 91 13.93 12.02 -28.75
N SER A 92 12.71 12.37 -28.40
CA SER A 92 12.06 11.81 -27.23
C SER A 92 10.56 12.02 -27.23
N PRO A 93 9.77 11.07 -26.67
CA PRO A 93 8.38 11.40 -26.30
C PRO A 93 8.43 12.66 -25.42
N ILE A 94 7.54 13.61 -25.67
CA ILE A 94 7.64 14.93 -25.05
C ILE A 94 7.41 14.91 -23.52
N GLY A 95 6.48 14.08 -23.02
CA GLY A 95 6.26 13.99 -21.58
C GLY A 95 7.55 13.56 -20.88
N PRO A 96 8.10 12.38 -21.26
CA PRO A 96 9.36 11.91 -20.65
C PRO A 96 10.51 12.93 -20.80
N PHE A 97 10.57 13.66 -21.93
CA PHE A 97 11.64 14.68 -22.12
C PHE A 97 11.58 15.74 -21.00
N PHE A 98 10.35 16.15 -20.63
CA PHE A 98 10.14 17.19 -19.62
C PHE A 98 9.91 16.61 -18.20
N GLY A 99 10.23 15.33 -17.98
CA GLY A 99 10.10 14.78 -16.64
C GLY A 99 8.67 14.39 -16.24
N GLN A 100 7.87 13.92 -17.22
CA GLN A 100 6.53 13.41 -16.96
C GLN A 100 6.48 12.01 -17.55
N GLY A 101 6.57 11.02 -16.69
CA GLY A 101 6.65 9.65 -17.19
C GLY A 101 5.33 9.06 -17.65
N TRP A 102 5.46 7.95 -18.40
CA TRP A 102 4.33 7.12 -18.83
C TRP A 102 3.21 7.99 -19.46
N ASP A 103 1.95 7.84 -19.00
CA ASP A 103 0.83 8.64 -19.50
C ASP A 103 0.32 9.52 -18.34
N GLU A 104 1.23 9.86 -17.41
CA GLU A 104 0.86 10.51 -16.17
C GLU A 104 1.09 12.03 -16.16
N ARG A 105 0.68 12.66 -15.06
CA ARG A 105 0.86 14.09 -14.85
C ARG A 105 1.06 14.35 -13.35
N TYR A 106 2.05 15.18 -13.01
CA TYR A 106 2.35 15.52 -11.62
C TYR A 106 3.27 16.72 -11.58
N ASN A 107 3.00 17.62 -10.63
CA ASN A 107 3.88 18.80 -10.50
C ASN A 107 5.22 18.43 -9.92
N TYR A 108 6.28 19.02 -10.46
CA TYR A 108 7.62 18.91 -9.89
C TYR A 108 8.49 20.04 -10.45
N ALA A 109 9.57 20.36 -9.73
CA ALA A 109 10.51 21.37 -10.20
C ALA A 109 11.95 20.91 -10.01
N SER A 110 12.75 20.99 -11.07
CA SER A 110 14.19 20.81 -11.00
C SER A 110 14.80 22.06 -11.61
N LEU A 111 16.11 22.24 -11.51
CA LEU A 111 16.71 23.43 -12.09
C LEU A 111 16.53 23.46 -13.65
N PRO A 112 16.87 22.42 -14.42
CA PRO A 112 16.71 22.55 -15.88
C PRO A 112 15.31 22.25 -16.41
N LEU A 113 14.56 21.37 -15.74
CA LEU A 113 13.26 20.90 -16.27
C LEU A 113 12.19 20.90 -15.20
N SER A 114 10.99 21.34 -15.58
CA SER A 114 9.87 21.34 -14.63
C SER A 114 8.56 21.04 -15.34
N ALA A 115 7.60 20.51 -14.57
CA ALA A 115 6.23 20.30 -15.02
C ALA A 115 5.39 20.96 -13.95
N GLY A 116 4.93 22.16 -14.25
CA GLY A 116 4.20 22.95 -13.27
C GLY A 116 2.71 22.86 -13.41
N PRO A 117 2.00 23.60 -12.55
CA PRO A 117 0.53 23.61 -12.60
C PRO A 117 -0.03 24.02 -13.97
N GLU A 118 -1.25 23.59 -14.37
CA GLU A 118 -2.19 22.77 -13.59
CA GLU A 118 -2.16 22.78 -13.56
C GLU A 118 -1.73 21.29 -13.57
N ASN A 119 -1.48 20.74 -12.38
CA ASN A 119 -1.09 19.33 -12.15
C ASN A 119 -0.20 18.76 -13.30
N GLY A 120 1.00 19.35 -13.43
CA GLY A 120 2.03 18.92 -14.35
C GLY A 120 1.88 19.23 -15.82
N THR A 121 0.92 20.12 -16.19
CA THR A 121 0.72 20.41 -17.63
C THR A 121 1.61 21.55 -18.17
N GLY A 122 2.19 22.37 -17.30
CA GLY A 122 3.07 23.47 -17.76
C GLY A 122 4.51 22.98 -17.89
N LEU A 123 4.99 22.70 -19.11
CA LEU A 123 6.33 22.12 -19.29
C LEU A 123 7.37 23.17 -19.60
N SER A 124 8.48 23.20 -18.82
CA SER A 124 9.52 24.20 -19.10
C SER A 124 10.91 23.60 -19.06
N CYS A 125 11.79 24.17 -19.88
CA CYS A 125 13.17 23.68 -20.04
C CYS A 125 14.14 24.86 -20.11
N TYR A 126 15.19 24.84 -19.27
CA TYR A 126 16.21 25.89 -19.24
C TYR A 126 17.58 25.39 -19.72
N PHE A 127 17.65 24.18 -20.34
CA PHE A 127 18.94 23.81 -20.94
C PHE A 127 19.26 24.77 -22.09
N ALA A 128 20.53 25.20 -22.19
CA ALA A 128 20.99 26.07 -23.28
C ALA A 128 21.32 25.19 -24.49
N PRO A 130 23.00 25.61 -28.13
CA PRO A 130 23.64 26.43 -29.17
C PRO A 130 23.52 25.81 -30.56
N PHE A 131 23.61 26.65 -31.59
CA PHE A 131 23.60 26.17 -32.97
C PHE A 131 24.29 27.21 -33.83
N GLU A 132 24.94 26.75 -34.91
CA GLU A 132 25.69 27.65 -35.77
C GLU A 132 25.04 27.83 -37.14
N LYS A 133 24.40 26.78 -37.66
CA LYS A 133 23.81 26.81 -38.99
C LYS A 133 22.34 26.42 -38.92
N GLY A 134 21.61 27.12 -38.06
CA GLY A 134 20.18 26.92 -37.91
C GLY A 134 19.75 25.82 -36.95
N ALA A 135 18.46 25.82 -36.65
CA ALA A 135 17.81 24.89 -35.74
C ALA A 135 16.42 24.63 -36.20
N ARG A 136 15.98 23.38 -36.11
CA ARG A 136 14.62 22.98 -36.46
CA ARG A 136 14.62 22.96 -36.46
C ARG A 136 14.04 22.15 -35.33
N ILE A 137 12.82 22.47 -34.90
CA ILE A 137 12.13 21.75 -33.83
C ILE A 137 10.87 21.19 -34.47
N GLU A 138 10.69 19.87 -34.35
CA GLU A 138 9.59 19.12 -34.94
C GLU A 138 8.76 18.43 -33.89
N ILE A 139 7.43 18.41 -34.10
CA ILE A 139 6.50 17.69 -33.24
C ILE A 139 5.81 16.63 -34.08
N GLU A 140 5.70 15.40 -33.55
CA GLU A 140 5.00 14.32 -34.25
CA GLU A 140 5.01 14.31 -34.25
C GLU A 140 3.92 13.73 -33.35
N ASN A 141 2.69 13.67 -33.86
CA ASN A 141 1.60 13.09 -33.10
C ASN A 141 1.54 11.59 -33.40
N GLN A 142 1.98 10.75 -32.44
CA GLN A 142 1.88 9.28 -32.62
C GLN A 142 0.65 8.72 -31.88
N SER A 143 -0.22 9.60 -31.35
CA SER A 143 -1.46 9.16 -30.69
CA SER A 143 -1.43 9.11 -30.69
C SER A 143 -2.48 8.76 -31.76
N ASP A 144 -3.55 8.07 -31.34
CA ASP A 144 -4.64 7.67 -32.22
C ASP A 144 -5.71 8.78 -32.26
N ARG A 145 -5.52 9.85 -31.48
CA ARG A 145 -6.45 10.99 -31.50
C ARG A 145 -5.70 12.29 -31.84
N ASN A 146 -6.46 13.37 -32.04
CA ASN A 146 -5.82 14.64 -32.37
C ASN A 146 -5.12 15.30 -31.20
N ILE A 147 -4.09 16.10 -31.53
CA ILE A 147 -3.56 17.09 -30.61
C ILE A 147 -4.46 18.27 -30.89
N ASP A 148 -5.45 18.57 -30.02
CA ASP A 148 -6.41 19.65 -30.29
C ASP A 148 -5.75 21.02 -30.33
N ALA A 149 -4.76 21.24 -29.44
CA ALA A 149 -4.10 22.53 -29.32
C ALA A 149 -2.71 22.33 -28.78
N PHE A 150 -1.72 22.84 -29.48
CA PHE A 150 -0.33 22.77 -29.08
C PHE A 150 0.15 24.21 -28.85
N TYR A 151 0.55 24.51 -27.61
CA TYR A 151 1.03 25.83 -27.22
C TYR A 151 2.51 25.77 -26.94
N PHE A 152 3.27 26.80 -27.33
CA PHE A 152 4.68 26.80 -26.98
C PHE A 152 5.32 28.16 -27.09
N TYR A 153 6.47 28.30 -26.41
CA TYR A 153 7.45 29.38 -26.53
C TYR A 153 8.80 28.75 -26.78
N VAL A 154 9.54 29.24 -27.77
CA VAL A 154 10.94 28.89 -27.97
C VAL A 154 11.68 30.21 -27.93
N ASP A 155 12.32 30.50 -26.78
CA ASP A 155 13.09 31.73 -26.56
C ASP A 155 14.53 31.48 -26.83
N TYR A 156 15.16 32.34 -27.63
CA TYR A 156 16.57 32.15 -27.92
C TYR A 156 17.27 33.47 -28.11
N LEU A 157 18.60 33.42 -28.07
CA LEU A 157 19.44 34.58 -28.34
C LEU A 157 20.10 34.43 -29.69
N GLU A 158 19.82 35.38 -30.59
CA GLU A 158 20.49 35.44 -31.89
C GLU A 158 21.87 36.00 -31.63
N ALA A 160 25.68 37.23 -33.47
CA ALA A 160 26.44 37.53 -34.69
C ALA A 160 27.62 36.58 -34.79
N LYS A 161 28.13 36.14 -33.62
CA LYS A 161 29.23 35.20 -33.54
C LYS A 161 28.99 34.27 -32.36
N LEU A 162 28.84 32.99 -32.65
CA LEU A 162 28.67 31.99 -31.60
C LEU A 162 30.04 31.78 -30.94
N PRO A 163 30.17 31.89 -29.61
CA PRO A 163 31.50 31.68 -29.03
C PRO A 163 32.08 30.34 -29.44
N LYS A 164 33.39 30.20 -29.83
N LYS A 164 33.39 30.44 -29.29
CA LYS A 164 33.89 28.95 -30.51
CA LYS A 164 34.35 29.41 -29.32
C LYS A 164 33.84 27.49 -29.82
C LYS A 164 33.99 28.59 -28.15
N ASP A 165 33.89 27.40 -28.49
CA ASP A 165 33.81 26.25 -27.61
CA ASP A 165 33.77 26.19 -27.66
C ASP A 165 32.35 25.90 -27.23
N GLY A 167 29.13 23.81 -27.33
CA GLY A 167 28.74 22.46 -27.75
C GLY A 167 27.35 22.44 -28.36
N ARG A 168 26.82 21.22 -28.53
CA ARG A 168 25.48 20.99 -29.09
C ARG A 168 24.71 20.10 -28.16
N PHE A 169 23.48 20.49 -27.84
CA PHE A 169 22.63 19.75 -26.90
C PHE A 169 22.05 18.50 -27.55
N HIS A 170 22.13 17.37 -26.84
CA HIS A 170 21.57 16.09 -27.28
C HIS A 170 20.68 15.51 -26.21
N ALA A 171 19.65 14.77 -26.60
CA ALA A 171 18.81 14.07 -25.63
C ALA A 171 18.22 12.85 -26.32
N TRP A 172 18.20 11.71 -25.62
CA TRP A 172 17.74 10.48 -26.25
C TRP A 172 16.89 9.68 -25.30
N TYR A 173 15.71 9.31 -25.74
CA TYR A 173 14.82 8.43 -25.01
C TYR A 173 15.13 6.97 -25.36
N ASN A 174 15.21 6.13 -24.35
CA ASN A 174 15.36 4.69 -24.54
C ASN A 174 14.34 3.96 -23.68
N HIS A 175 14.02 2.73 -24.04
CA HIS A 175 13.09 1.89 -23.30
C HIS A 175 13.50 0.44 -23.45
N ASN A 176 13.45 -0.31 -22.36
CA ASN A 176 13.61 -1.76 -22.40
C ASN A 176 12.71 -2.44 -21.40
N LEU A 177 12.20 -3.62 -21.73
CA LEU A 177 11.56 -4.51 -20.78
CA LEU A 177 11.55 -4.50 -20.78
C LEU A 177 12.71 -5.44 -20.46
N THR A 178 13.41 -5.21 -19.34
CA THR A 178 14.63 -5.97 -19.05
C THR A 178 14.40 -7.45 -18.76
N GLU A 179 15.39 -8.23 -19.13
CA GLU A 179 15.29 -9.68 -19.00
C GLU A 179 15.88 -10.14 -17.70
N ALA A 180 15.12 -10.99 -17.01
CA ALA A 180 15.62 -11.61 -15.79
C ALA A 180 16.75 -12.57 -16.14
N LEU A 181 17.55 -12.93 -15.14
CA LEU A 181 18.58 -13.96 -15.31
C LEU A 181 17.91 -15.33 -15.63
N PRO A 182 18.62 -16.25 -16.31
CA PRO A 182 17.99 -17.56 -16.61
C PRO A 182 17.54 -18.30 -15.34
N GLU A 183 18.30 -18.16 -14.22
CA GLU A 183 17.96 -18.76 -12.92
C GLU A 183 16.83 -18.01 -12.18
N GLY A 184 16.38 -16.90 -12.73
CA GLY A 184 15.31 -16.13 -12.11
C GLY A 184 15.79 -14.85 -11.45
N GLU A 185 14.85 -14.17 -10.77
CA GLU A 185 15.08 -12.87 -10.14
C GLU A 185 15.66 -13.05 -8.74
N THR A 186 16.93 -13.39 -8.71
CA THR A 186 17.66 -13.74 -7.48
C THR A 186 18.06 -12.52 -6.62
N GLU A 187 17.33 -11.39 -6.73
CA GLU A 187 17.65 -10.22 -5.91
C GLU A 187 17.75 -10.57 -4.41
N TRP A 188 18.76 -10.00 -3.71
CA TRP A 188 19.05 -10.20 -2.29
C TRP A 188 19.36 -11.66 -1.95
N GLY A 189 19.52 -12.51 -2.98
CA GLY A 189 19.75 -13.94 -2.79
C GLY A 189 18.55 -14.67 -2.20
N VAL A 190 17.35 -14.06 -2.32
CA VAL A 190 16.13 -14.61 -1.73
C VAL A 190 15.68 -15.91 -2.45
N THR A 191 15.65 -15.91 -3.79
CA THR A 191 15.16 -17.08 -4.53
C THR A 191 16.29 -18.03 -4.98
N GLY A 192 17.53 -17.58 -4.85
CA GLY A 192 18.69 -18.39 -5.25
C GLY A 192 19.97 -17.60 -5.10
N ALA A 193 21.12 -18.29 -5.30
CA ALA A 193 22.42 -17.64 -5.10
C ALA A 193 22.69 -16.53 -6.11
N GLN A 194 23.26 -15.43 -5.60
CA GLN A 194 23.66 -14.28 -6.41
C GLN A 194 25.03 -14.55 -7.02
N LYS A 195 25.30 -13.93 -8.17
CA LYS A 195 26.56 -14.10 -8.90
CA LYS A 195 26.55 -14.10 -8.93
C LYS A 195 27.16 -12.74 -9.26
N PRO A 196 28.49 -12.62 -9.44
CA PRO A 196 29.05 -11.31 -9.75
C PRO A 196 28.82 -10.86 -11.20
N ASN A 197 28.78 -9.52 -11.36
CA ASN A 197 28.71 -8.82 -12.63
C ASN A 197 30.02 -8.05 -12.78
N THR A 198 31.03 -8.65 -13.42
CA THR A 198 32.32 -7.96 -13.55
C THR A 198 32.42 -7.12 -14.82
N THR A 199 31.53 -7.34 -15.79
CA THR A 199 31.66 -6.71 -17.11
C THR A 199 30.65 -5.64 -17.46
N GLY A 200 29.46 -5.70 -16.85
CA GLY A 200 28.36 -4.82 -17.21
C GLY A 200 27.70 -5.23 -18.52
N GLU A 201 28.03 -6.41 -19.06
CA GLU A 201 27.52 -6.91 -20.35
C GLU A 201 25.96 -6.81 -20.49
N ARG A 202 25.23 -7.15 -19.42
CA ARG A 202 23.76 -7.18 -19.51
C ARG A 202 23.11 -5.94 -18.91
N ASN A 203 23.92 -4.91 -18.57
CA ASN A 203 23.37 -3.67 -18.01
C ASN A 203 22.46 -2.95 -18.99
N TYR A 204 21.51 -2.17 -18.45
CA TYR A 204 20.66 -1.32 -19.27
C TYR A 204 21.52 -0.15 -19.76
N VAL A 205 21.39 0.22 -21.04
CA VAL A 205 22.19 1.32 -21.61
C VAL A 205 21.31 2.54 -21.80
N PHE A 206 21.65 3.67 -21.13
CA PHE A 206 20.80 4.85 -21.29
C PHE A 206 21.46 5.88 -22.21
N GLU A 208 24.95 6.28 -25.23
CA GLU A 208 26.14 5.81 -25.90
C GLU A 208 26.42 6.78 -27.02
N THR A 209 27.61 7.39 -27.06
CA THR A 209 27.94 8.32 -28.15
C THR A 209 29.44 8.39 -28.40
N GLN A 210 29.82 8.93 -29.58
CA GLN A 210 31.21 9.18 -29.95
CA GLN A 210 31.21 9.18 -29.95
C GLN A 210 31.34 10.68 -30.19
N GLY A 211 32.37 11.29 -29.62
CA GLY A 211 32.66 12.71 -29.73
C GLY A 211 33.34 13.21 -28.48
N LYS A 212 33.45 14.53 -28.34
CA LYS A 212 34.00 15.17 -27.13
C LYS A 212 32.86 15.93 -26.47
N GLY A 213 32.67 15.73 -25.17
CA GLY A 213 31.60 16.47 -24.49
C GLY A 213 31.42 16.08 -23.05
N HIS A 214 30.18 16.17 -22.57
CA HIS A 214 29.88 15.82 -21.20
C HIS A 214 28.40 15.54 -21.01
N PHE A 215 28.13 14.51 -20.21
CA PHE A 215 26.80 14.06 -19.82
C PHE A 215 26.29 14.98 -18.72
N VAL A 216 25.01 15.42 -18.82
CA VAL A 216 24.47 16.38 -17.84
C VAL A 216 23.15 15.95 -17.18
N GLY A 217 22.58 14.83 -17.56
CA GLY A 217 21.37 14.48 -16.83
C GLY A 217 20.69 13.21 -17.24
N ILE A 218 19.82 12.71 -16.34
CA ILE A 218 19.03 11.52 -16.62
C ILE A 218 17.69 11.59 -15.89
N ASN A 219 16.61 11.31 -16.65
CA ASN A 219 15.27 11.05 -16.13
C ASN A 219 15.11 9.55 -16.22
N TYR A 220 14.80 8.90 -15.08
CA TYR A 220 14.73 7.43 -14.99
C TYR A 220 13.32 7.04 -14.58
N TYR A 221 12.64 6.25 -15.44
CA TYR A 221 11.26 5.86 -15.23
C TYR A 221 11.16 4.35 -15.06
N VAL A 222 10.98 3.87 -13.83
CA VAL A 222 10.90 2.42 -13.60
C VAL A 222 9.46 2.01 -13.25
N HIS A 223 9.00 0.94 -13.89
CA HIS A 223 7.76 0.31 -13.51
C HIS A 223 8.18 -1.08 -13.07
N CYS A 224 8.08 -1.32 -11.76
CA CYS A 224 8.53 -2.57 -11.16
C CYS A 224 7.34 -3.52 -10.99
N PRO A 225 7.42 -4.76 -11.54
CA PRO A 225 6.29 -5.69 -11.44
C PRO A 225 6.38 -6.61 -10.22
N THR A 226 7.35 -6.35 -9.33
CA THR A 226 7.46 -7.11 -8.10
C THR A 226 7.46 -6.14 -6.90
N PRO A 227 6.99 -6.54 -5.69
CA PRO A 227 7.13 -5.64 -4.54
CA PRO A 227 7.12 -5.65 -4.53
C PRO A 227 8.60 -5.54 -4.09
N TRP A 229 12.53 -4.61 -3.86
CA TRP A 229 13.30 -3.39 -4.14
C TRP A 229 13.97 -3.51 -5.51
N TYR A 230 13.72 -2.52 -6.39
CA TYR A 230 14.20 -2.56 -7.78
C TYR A 230 15.61 -2.00 -7.98
N GLY A 231 16.16 -1.34 -6.95
CA GLY A 231 17.35 -0.52 -7.15
C GLY A 231 18.68 -0.91 -6.56
N GLU A 232 18.96 -2.21 -6.49
CA GLU A 232 20.29 -2.62 -6.01
C GLU A 232 21.36 -2.36 -7.08
N GLY A 233 20.93 -2.18 -8.33
CA GLY A 233 21.80 -2.06 -9.50
C GLY A 233 22.73 -0.86 -9.48
N ASP A 234 24.01 -1.09 -9.84
CA ASP A 234 25.03 -0.06 -9.89
C ASP A 234 25.05 0.67 -11.21
N ASP A 235 25.34 1.98 -11.18
CA ASP A 235 25.64 2.69 -12.42
C ASP A 235 27.06 2.31 -12.81
N TRP A 237 30.01 3.41 -15.93
CA TRP A 237 30.36 4.28 -17.04
C TRP A 237 31.66 3.89 -17.71
N PHE A 238 31.63 3.80 -19.03
CA PHE A 238 32.81 3.49 -19.85
C PHE A 238 33.19 4.74 -20.58
N ILE A 239 34.32 5.35 -20.18
CA ILE A 239 34.76 6.60 -20.80
C ILE A 239 35.87 6.32 -21.84
N ASP A 240 35.73 6.90 -23.04
CA ASP A 240 36.77 6.88 -24.10
C ASP A 240 37.29 5.48 -24.44
N GLY A 241 36.36 4.53 -24.52
CA GLY A 241 36.60 3.15 -24.94
C GLY A 241 37.42 2.28 -24.00
N GLU A 242 37.58 2.71 -22.71
CA GLU A 242 38.34 1.92 -21.73
C GLU A 242 37.69 0.54 -21.55
N LYS A 243 38.50 -0.49 -21.27
CA LYS A 243 37.95 -1.85 -21.09
C LYS A 243 37.28 -2.00 -19.72
N VAL A 244 37.92 -1.47 -18.67
CA VAL A 244 37.30 -1.54 -17.34
CA VAL A 244 37.39 -1.50 -17.29
C VAL A 244 36.66 -0.17 -17.06
N PRO A 245 35.36 -0.16 -16.68
CA PRO A 245 34.65 1.13 -16.45
C PRO A 245 35.32 1.92 -15.33
N SER A 246 35.60 3.21 -15.57
CA SER A 246 36.31 4.00 -14.57
CA SER A 246 36.27 4.10 -14.62
C SER A 246 35.38 4.47 -13.45
N LEU A 247 34.06 4.60 -13.73
CA LEU A 247 33.10 5.04 -12.72
C LEU A 247 32.11 3.92 -12.43
N ILE A 248 32.17 3.37 -11.21
CA ILE A 248 31.28 2.27 -10.82
C ILE A 248 30.61 2.65 -9.52
N GLY A 249 29.30 2.54 -9.50
CA GLY A 249 28.49 2.89 -8.34
C GLY A 249 28.18 1.74 -7.41
N THR A 250 27.23 2.00 -6.48
CA THR A 250 26.85 1.05 -5.44
C THR A 250 25.39 0.63 -5.44
N GLY A 251 24.54 1.43 -6.07
CA GLY A 251 23.10 1.17 -6.06
C GLY A 251 22.41 2.26 -6.83
N THR A 252 21.12 2.04 -7.15
CA THR A 252 20.36 3.01 -7.96
C THR A 252 19.94 4.19 -7.09
N GLU A 253 19.41 3.92 -5.86
CA GLU A 253 19.03 5.05 -5.00
C GLU A 253 20.30 5.84 -4.63
N ASP A 254 21.44 5.12 -4.48
CA ASP A 254 22.75 5.70 -4.14
C ASP A 254 23.20 6.66 -5.23
N PHE A 255 23.08 6.21 -6.49
CA PHE A 255 23.39 7.00 -7.67
C PHE A 255 22.50 8.26 -7.70
N PHE A 256 21.23 8.13 -7.22
CA PHE A 256 20.31 9.29 -7.19
C PHE A 256 20.40 10.06 -5.85
N ASN A 257 21.57 9.97 -5.16
CA ASN A 257 21.86 10.72 -3.92
C ASN A 257 20.91 10.42 -2.77
N THR A 258 20.38 9.18 -2.74
CA THR A 258 19.47 8.76 -1.68
C THR A 258 19.99 7.44 -1.11
N ALA A 259 19.22 6.81 -0.22
CA ALA A 259 19.74 5.62 0.45
C ALA A 259 18.65 4.79 1.06
N TRP A 260 18.97 3.51 1.36
CA TRP A 260 18.10 2.64 2.13
C TRP A 260 16.74 2.40 1.46
N CYS A 261 16.74 2.06 0.14
CA CYS A 261 15.52 1.66 -0.60
C CYS A 261 14.35 2.65 -0.35
N PRO A 262 14.55 3.94 -0.67
CA PRO A 262 13.50 4.92 -0.34
C PRO A 262 12.32 4.89 -1.30
N LYS A 263 11.20 5.47 -0.89
CA LYS A 263 10.02 5.61 -1.75
C LYS A 263 9.21 6.81 -1.27
N GLU A 264 9.92 7.91 -1.01
CA GLU A 264 9.38 9.20 -0.55
C GLU A 264 9.59 10.28 -1.63
N ALA A 265 8.58 11.11 -1.86
CA ALA A 265 8.78 12.25 -2.76
C ALA A 265 9.87 13.17 -2.15
N PHE A 266 10.74 13.72 -3.00
CA PHE A 266 11.85 14.57 -2.55
C PHE A 266 12.30 15.44 -3.68
N SER A 267 12.69 16.68 -3.35
CA SER A 267 13.10 17.64 -4.36
C SER A 267 14.36 18.41 -4.00
N HIS A 268 15.33 18.38 -4.92
CA HIS A 268 16.54 19.16 -4.91
C HIS A 268 16.71 19.70 -6.34
N PRO A 269 17.28 20.91 -6.53
CA PRO A 269 17.51 21.39 -7.91
C PRO A 269 18.18 20.37 -8.84
N TYR A 270 19.07 19.51 -8.29
CA TYR A 270 19.83 18.54 -9.10
C TYR A 270 19.34 17.09 -9.03
N PHE A 271 18.46 16.73 -8.11
CA PHE A 271 18.03 15.32 -8.03
C PHE A 271 16.72 15.24 -7.28
N GLY A 272 16.00 14.16 -7.50
CA GLY A 272 14.73 14.02 -6.79
C GLY A 272 13.89 12.86 -7.24
N TYR A 273 12.79 12.66 -6.51
CA TYR A 273 11.79 11.63 -6.74
C TYR A 273 10.43 12.30 -6.90
N PRO A 274 10.06 12.72 -8.12
CA PRO A 274 8.78 13.43 -8.30
C PRO A 274 7.55 12.52 -8.28
N ARG A 275 7.73 11.19 -8.43
CA ARG A 275 6.60 10.25 -8.46
C ARG A 275 7.08 8.95 -7.84
N VAL A 276 6.41 8.52 -6.76
CA VAL A 276 6.82 7.31 -6.02
C VAL A 276 5.73 6.26 -6.11
N ASN A 277 6.07 4.98 -5.81
CA ASN A 277 5.19 3.86 -6.12
C ASN A 277 3.91 3.79 -5.29
N ASN A 278 3.93 4.28 -4.02
CA ASN A 278 2.72 4.34 -3.19
CA ASN A 278 2.75 4.33 -3.14
C ASN A 278 1.98 2.98 -3.16
N ASP A 279 2.71 1.91 -2.85
CA ASP A 279 2.09 0.58 -2.78
C ASP A 279 3.01 -0.30 -1.96
N ILE A 280 2.64 -1.59 -1.78
CA ILE A 280 3.48 -2.54 -1.06
C ILE A 280 4.89 -2.55 -1.64
N GLY A 281 5.89 -2.59 -0.74
CA GLY A 281 7.28 -2.61 -1.17
C GLY A 281 7.55 -1.53 -2.23
N TRP A 282 8.09 -1.95 -3.38
CA TRP A 282 8.42 -1.00 -4.46
C TRP A 282 7.66 -1.36 -5.75
N LEU A 283 6.51 -2.06 -5.56
CA LEU A 283 5.66 -2.46 -6.68
C LEU A 283 5.02 -1.21 -7.31
N GLY A 284 5.11 -1.11 -8.64
CA GLY A 284 4.53 0.04 -9.33
C GLY A 284 5.56 0.98 -9.91
N ARG A 285 5.16 2.26 -10.05
CA ARG A 285 5.96 3.23 -10.79
C ARG A 285 6.72 4.22 -9.93
N THR A 286 7.99 4.44 -10.29
CA THR A 286 8.83 5.44 -9.65
C THR A 286 9.57 6.23 -10.72
N HIS A 287 9.58 7.56 -10.56
CA HIS A 287 10.35 8.45 -11.43
C HIS A 287 11.43 9.06 -10.57
N VAL A 288 12.70 8.92 -10.99
CA VAL A 288 13.84 9.51 -10.29
C VAL A 288 14.63 10.33 -11.31
N TYR A 289 15.26 11.43 -10.87
CA TYR A 289 16.13 12.16 -11.80
C TYR A 289 17.41 12.62 -11.09
N ARG A 290 18.44 12.86 -11.88
CA ARG A 290 19.68 13.47 -11.40
C ARG A 290 20.28 14.25 -12.54
N PHE A 291 20.58 15.52 -12.27
CA PHE A 291 21.25 16.41 -13.23
C PHE A 291 22.68 16.62 -12.74
N PHE A 292 23.63 16.53 -13.67
CA PHE A 292 25.07 16.65 -13.45
C PHE A 292 25.50 18.00 -14.02
N ILE A 293 25.13 19.08 -13.30
CA ILE A 293 25.39 20.45 -13.71
C ILE A 293 26.72 20.92 -13.15
N GLU A 294 26.89 20.75 -11.83
CA GLU A 294 28.16 21.08 -11.18
C GLU A 294 29.18 19.97 -11.41
N ASP A 295 28.69 18.76 -11.69
CA ASP A 295 29.55 17.56 -11.76
C ASP A 295 29.26 16.70 -13.02
N PRO A 296 29.46 17.25 -14.21
CA PRO A 296 29.18 16.47 -15.44
C PRO A 296 30.16 15.30 -15.61
N ILE A 297 29.79 14.34 -16.48
CA ILE A 297 30.69 13.23 -16.79
C ILE A 297 31.27 13.53 -18.16
N PHE A 298 32.53 13.99 -18.16
CA PHE A 298 33.28 14.39 -19.34
C PHE A 298 33.82 13.21 -20.14
N PHE A 299 34.01 13.44 -21.43
CA PHE A 299 34.63 12.43 -22.31
C PHE A 299 35.29 13.14 -23.49
N GLU A 300 36.43 12.60 -23.97
CA GLU A 300 37.12 13.24 -25.10
CA GLU A 300 37.18 13.18 -25.10
C GLU A 300 36.86 12.48 -26.41
N LYS A 301 36.48 11.20 -26.32
CA LYS A 301 36.27 10.37 -27.51
C LYS A 301 34.93 9.64 -27.53
N SER A 302 34.46 9.15 -26.37
CA SER A 302 33.21 8.38 -26.30
C SER A 302 32.71 8.22 -24.88
N LEU A 303 31.41 7.91 -24.75
CA LEU A 303 30.84 7.65 -23.43
C LEU A 303 29.79 6.59 -23.57
N LYS A 304 29.76 5.64 -22.64
CA LYS A 304 28.70 4.65 -22.55
C LYS A 304 28.22 4.63 -21.09
N GLY A 305 26.99 5.12 -20.89
CA GLY A 305 26.36 5.23 -19.58
C GLY A 305 25.40 4.09 -19.39
N THR A 306 25.63 3.27 -18.34
CA THR A 306 24.83 2.07 -18.10
C THR A 306 24.44 1.93 -16.63
N ILE A 307 23.45 1.07 -16.37
CA ILE A 307 23.04 0.79 -15.01
C ILE A 307 22.47 -0.62 -14.94
N GLU A 308 22.80 -1.35 -13.87
CA GLU A 308 22.24 -2.69 -13.67
C GLU A 308 20.74 -2.61 -13.45
N HIS A 309 19.99 -3.62 -13.93
CA HIS A 309 18.54 -3.71 -13.67
C HIS A 309 18.39 -4.79 -12.58
N GLY A 310 18.58 -4.36 -11.34
CA GLY A 310 18.69 -5.26 -10.19
C GLY A 310 20.15 -5.69 -10.09
N SER A 311 20.59 -6.19 -8.92
CA SER A 311 21.99 -6.65 -8.81
C SER A 311 22.26 -7.76 -9.84
N ASN A 312 23.40 -7.65 -10.55
CA ASN A 312 23.77 -8.58 -11.62
C ASN A 312 22.63 -8.73 -12.67
N ASN A 313 21.84 -7.64 -12.87
CA ASN A 313 20.79 -7.59 -13.89
C ASN A 313 19.78 -8.72 -13.74
N ASN A 314 19.42 -9.05 -12.48
CA ASN A 314 18.52 -10.20 -12.26
C ASN A 314 17.05 -9.89 -12.49
N LEU A 315 16.63 -8.60 -12.41
CA LEU A 315 15.20 -8.30 -12.45
C LEU A 315 14.63 -7.99 -13.82
N THR A 316 13.33 -8.31 -13.98
CA THR A 316 12.50 -7.86 -15.08
C THR A 316 11.92 -6.53 -14.67
N LEU A 317 12.36 -5.45 -15.31
CA LEU A 317 11.85 -4.11 -15.05
C LEU A 317 11.40 -3.49 -16.33
N ASP A 318 10.32 -2.70 -16.28
CA ASP A 318 9.93 -1.89 -17.44
C ASP A 318 10.64 -0.57 -17.19
N LEU A 319 11.72 -0.32 -17.95
CA LEU A 319 12.53 0.86 -17.73
CA LEU A 319 12.58 0.84 -17.76
C LEU A 319 12.62 1.74 -18.95
N SER A 320 12.42 3.05 -18.74
CA SER A 320 12.67 4.01 -19.80
CA SER A 320 12.57 4.08 -19.76
C SER A 320 13.49 5.15 -19.21
N THR A 321 14.27 5.79 -20.06
CA THR A 321 15.14 6.88 -19.64
C THR A 321 15.21 7.93 -20.70
N VAL A 322 15.52 9.15 -20.28
CA VAL A 322 15.93 10.21 -21.18
C VAL A 322 17.29 10.64 -20.66
N ALA A 323 18.30 10.58 -21.52
CA ALA A 323 19.67 11.04 -21.19
C ALA A 323 19.91 12.36 -21.90
N TYR A 324 20.58 13.32 -21.21
CA TYR A 324 20.87 14.67 -21.72
C TYR A 324 22.36 14.91 -21.70
N TRP A 325 22.90 15.47 -22.77
CA TRP A 325 24.33 15.72 -22.81
C TRP A 325 24.70 16.76 -23.84
N TYR A 326 25.98 17.18 -23.79
CA TYR A 326 26.55 18.08 -24.80
C TYR A 326 27.68 17.39 -25.50
N GLN A 327 27.88 17.70 -26.79
CA GLN A 327 29.11 17.25 -27.45
C GLN A 327 29.53 18.28 -28.50
N ASP A 328 30.74 18.14 -29.05
CA ASP A 328 31.31 19.21 -29.88
C ASP A 328 30.55 19.49 -31.18
N SER A 329 29.86 18.48 -31.73
CA SER A 329 29.07 18.70 -32.95
CA SER A 329 29.08 18.63 -32.97
CA SER A 329 29.09 18.65 -32.96
C SER A 329 27.74 17.97 -32.81
N ALA A 330 26.79 18.28 -33.70
CA ALA A 330 25.48 17.63 -33.61
C ALA A 330 25.62 16.26 -34.27
N VAL A 331 25.35 15.20 -33.49
CA VAL A 331 25.46 13.83 -34.00
C VAL A 331 24.09 13.12 -33.98
N ALA A 332 24.04 11.98 -34.69
CA ALA A 332 22.85 11.15 -34.81
C ALA A 332 22.66 10.30 -33.57
N LEU A 333 21.44 9.79 -33.43
CA LEU A 333 21.02 8.97 -32.30
C LEU A 333 20.64 7.58 -32.78
N PRO A 334 20.56 6.60 -31.86
CA PRO A 334 20.03 5.27 -32.24
C PRO A 334 18.55 5.38 -32.59
N GLU A 335 18.01 4.38 -33.29
CA GLU A 335 16.58 4.32 -33.64
C GLU A 335 15.74 4.43 -32.38
N ALA A 336 14.64 5.13 -32.49
CA ALA A 336 13.77 5.29 -31.34
C ALA A 336 12.97 4.04 -31.06
N PRO A 337 12.63 3.74 -29.80
CA PRO A 337 11.64 2.69 -29.54
C PRO A 337 10.34 3.03 -30.28
N THR A 338 9.61 2.02 -30.78
CA THR A 338 8.32 2.28 -31.42
C THR A 338 7.26 2.60 -30.37
N LYS A 339 6.11 3.08 -30.81
CA LYS A 339 4.98 3.37 -29.92
C LYS A 339 4.63 2.11 -29.13
N ALA A 340 4.56 0.94 -29.81
CA ALA A 340 4.21 -0.32 -29.15
C ALA A 340 5.26 -0.71 -28.11
N GLN A 341 6.55 -0.52 -28.44
CA GLN A 341 7.64 -0.88 -27.53
C GLN A 341 7.61 -0.05 -26.25
N ARG A 342 7.28 1.25 -26.35
CA ARG A 342 7.30 2.13 -25.18
C ARG A 342 5.92 2.28 -24.50
N ALA A 343 4.94 1.44 -24.86
CA ALA A 343 3.62 1.56 -24.24
C ALA A 343 3.68 1.31 -22.72
N PRO A 344 3.03 2.16 -21.89
CA PRO A 344 3.00 1.89 -20.44
C PRO A 344 2.40 0.52 -20.17
N LYS A 345 2.92 -0.17 -19.16
CA LYS A 345 2.48 -1.50 -18.75
CA LYS A 345 2.44 -1.50 -18.82
C LYS A 345 1.37 -1.45 -17.73
N PRO A 346 0.48 -2.46 -17.65
CA PRO A 346 -0.54 -2.41 -16.58
C PRO A 346 0.10 -2.59 -15.19
N PHE A 347 -0.54 -2.00 -14.19
CA PHE A 347 -0.10 -2.18 -12.82
C PHE A 347 -0.43 -3.59 -12.37
N ILE A 348 0.56 -4.28 -11.77
CA ILE A 348 0.32 -5.59 -11.13
C ILE A 348 -0.67 -5.34 -9.99
N ASN A 349 -1.69 -6.19 -9.88
CA ASN A 349 -2.74 -5.95 -8.88
C ASN A 349 -2.98 -7.17 -7.97
N HIS A 350 -3.95 -7.05 -7.04
CA HIS A 350 -4.26 -8.12 -6.08
C HIS A 350 -4.68 -9.44 -6.75
N VAL A 351 -5.35 -9.37 -7.94
CA VAL A 351 -5.73 -10.59 -8.66
C VAL A 351 -4.47 -11.31 -9.18
N ASP A 352 -3.55 -10.55 -9.83
CA ASP A 352 -2.30 -11.15 -10.32
C ASP A 352 -1.54 -11.81 -9.19
N ILE A 353 -1.40 -11.12 -8.06
CA ILE A 353 -0.62 -11.65 -6.94
C ILE A 353 -1.32 -12.85 -6.30
N HIS A 354 -2.67 -12.89 -6.30
CA HIS A 354 -3.35 -14.07 -5.78
C HIS A 354 -3.05 -15.30 -6.66
N ARG A 355 -2.88 -15.08 -7.99
CA ARG A 355 -2.48 -16.16 -8.90
C ARG A 355 -1.04 -16.60 -8.60
N TRP A 356 -0.15 -15.66 -8.24
CA TRP A 356 1.22 -16.03 -7.87
C TRP A 356 1.17 -16.87 -6.61
N ARG A 357 0.36 -16.42 -5.62
CA ARG A 357 0.20 -17.17 -4.37
C ARG A 357 -0.26 -18.61 -4.66
N ASP A 358 -1.20 -18.79 -5.60
CA ASP A 358 -1.70 -20.12 -5.93
C ASP A 358 -0.58 -21.01 -6.50
N ALA A 359 0.24 -20.47 -7.43
CA ALA A 359 1.35 -21.25 -8.00
C ALA A 359 2.36 -21.57 -6.90
N TRP A 360 2.58 -20.64 -5.96
CA TRP A 360 3.49 -20.84 -4.86
C TRP A 360 2.94 -21.93 -3.91
N ARG A 361 1.63 -21.86 -3.57
CA ARG A 361 1.04 -22.91 -2.74
C ARG A 361 1.22 -24.28 -3.38
N LYS A 362 1.01 -24.37 -4.73
CA LYS A 362 1.17 -25.65 -5.45
C LYS A 362 2.63 -26.15 -5.35
N SER A 363 3.62 -25.23 -5.41
CA SER A 363 5.05 -25.56 -5.31
C SER A 363 5.40 -26.08 -3.90
N LYS A 364 4.57 -25.73 -2.89
CA LYS A 364 4.79 -26.18 -1.52
C LYS A 364 3.94 -27.40 -1.19
N GLY A 365 3.25 -27.98 -2.17
CA GLY A 365 2.42 -29.15 -1.93
C GLY A 365 1.01 -28.87 -1.47
N ASN A 366 0.55 -27.61 -1.59
CA ASN A 366 -0.84 -27.25 -1.30
C ASN A 366 -1.34 -27.60 0.10
N LYS A 367 -0.46 -27.50 1.13
CA LYS A 367 -0.90 -27.69 2.51
C LYS A 367 -2.05 -26.68 2.75
N ALA A 368 -3.20 -27.14 3.30
CA ALA A 368 -4.41 -26.32 3.42
C ALA A 368 -4.26 -25.04 4.28
N THR A 369 -3.21 -24.96 5.13
CA THR A 369 -3.03 -23.83 6.03
C THR A 369 -1.72 -23.07 5.77
N LEU A 370 -1.16 -23.17 4.54
CA LEU A 370 0.04 -22.39 4.20
C LEU A 370 -0.24 -20.91 4.42
N TRP A 371 0.67 -20.25 5.13
CA TRP A 371 0.50 -18.82 5.44
C TRP A 371 1.01 -17.96 4.29
N GLY A 372 2.23 -18.22 3.82
CA GLY A 372 2.83 -17.43 2.75
C GLY A 372 4.29 -17.09 2.97
N ASN A 373 4.79 -17.33 4.20
CA ASN A 373 6.18 -17.00 4.53
C ASN A 373 7.03 -18.27 4.66
N GLU A 374 6.47 -19.45 4.33
CA GLU A 374 7.18 -20.73 4.38
C GLU A 374 8.32 -20.76 3.34
N GLN B 2 -52.80 6.25 32.34
CA GLN B 2 -51.47 6.85 32.36
C GLN B 2 -50.85 6.82 30.97
N SER B 3 -50.12 7.90 30.62
CA SER B 3 -49.41 8.00 29.35
C SER B 3 -48.40 6.86 29.20
N ASN B 4 -48.25 6.33 28.00
CA ASN B 4 -47.25 5.29 27.74
C ASN B 4 -45.97 5.92 27.15
N THR B 6 -42.37 7.08 26.41
CA THR B 6 -41.09 6.46 26.73
C THR B 6 -40.08 6.74 25.64
N ASN B 7 -38.80 6.75 26.03
CA ASN B 7 -37.59 6.79 25.23
C ASN B 7 -36.42 6.92 26.20
N GLU B 8 -35.19 6.81 25.71
CA GLU B 8 -34.03 6.81 26.61
C GLU B 8 -33.96 8.04 27.52
N PHE B 10 -36.38 10.31 28.16
CA PHE B 10 -37.61 10.47 28.94
C PHE B 10 -37.56 9.54 30.16
N ASP B 11 -37.15 8.27 29.95
CA ASP B 11 -37.09 7.29 31.04
C ASP B 11 -35.98 7.63 32.03
N LEU B 12 -34.90 8.29 31.56
CA LEU B 12 -33.81 8.69 32.48
C LEU B 12 -34.34 9.63 33.55
N ALA B 13 -35.35 10.46 33.20
CA ALA B 13 -35.95 11.43 34.12
C ALA B 13 -36.88 10.76 35.16
N LYS B 14 -37.15 9.45 35.03
CA LYS B 14 -38.00 8.76 36.01
C LYS B 14 -37.19 8.30 37.20
N LEU B 15 -37.72 8.49 38.41
CA LEU B 15 -37.08 8.00 39.63
C LEU B 15 -37.09 6.49 39.63
N LYS B 16 -35.99 5.86 40.07
CA LYS B 16 -35.87 4.40 40.05
C LYS B 16 -35.89 3.79 41.44
N SER B 17 -36.51 2.61 41.54
CA SER B 17 -36.58 1.90 42.82
C SER B 17 -35.74 0.63 42.81
N GLY B 18 -35.39 0.15 44.00
CA GLY B 18 -34.73 -1.15 44.19
C GLY B 18 -33.32 -1.31 43.69
N VAL B 19 -32.57 -0.20 43.56
CA VAL B 19 -31.19 -0.23 43.07
C VAL B 19 -30.28 0.57 44.02
N LYS B 20 -29.06 0.06 44.20
CA LYS B 20 -28.07 0.70 45.07
C LYS B 20 -26.70 0.59 44.40
N ASN B 21 -25.99 1.71 44.19
CA ASN B 21 -24.67 1.64 43.56
C ASN B 21 -23.65 1.00 44.46
N LYS B 22 -22.81 0.17 43.83
CA LYS B 22 -21.62 -0.42 44.44
C LYS B 22 -20.51 -0.33 43.43
N ARG B 23 -19.27 -0.34 43.89
CA ARG B 23 -18.12 -0.33 43.00
C ARG B 23 -16.95 -1.03 43.63
N ILE B 24 -16.34 -1.92 42.85
CA ILE B 24 -15.09 -2.61 43.21
CA ILE B 24 -15.08 -2.54 43.26
C ILE B 24 -14.04 -1.95 42.33
N SER B 25 -12.96 -1.42 42.89
CA SER B 25 -11.93 -0.80 42.07
C SER B 25 -10.56 -1.18 42.58
N SER B 26 -9.52 -0.79 41.83
CA SER B 26 -8.14 -1.05 42.23
C SER B 26 -7.63 0.14 43.09
N THR B 27 -8.55 0.96 43.62
CA THR B 27 -8.21 2.11 44.49
C THR B 27 -7.21 1.72 45.58
N ASP B 28 -6.22 2.58 45.86
CA ASP B 28 -5.25 2.33 46.93
C ASP B 28 -5.99 2.28 48.27
N PRO B 29 -5.99 1.12 48.97
CA PRO B 29 -6.75 1.03 50.24
C PRO B 29 -6.22 1.95 51.34
N THR B 30 -4.95 2.39 51.24
CA THR B 30 -4.36 3.27 52.26
C THR B 30 -4.79 4.74 52.07
N GLY B 31 -5.31 5.05 50.89
CA GLY B 31 -5.66 6.43 50.54
C GLY B 31 -4.53 7.13 49.79
N GLY B 32 -3.44 6.41 49.55
CA GLY B 32 -2.31 6.90 48.77
C GLY B 32 -2.64 6.87 47.29
N ASN B 33 -1.62 7.03 46.43
CA ASN B 33 -1.85 7.09 44.99
C ASN B 33 -1.39 5.82 44.24
N ARG B 34 -1.32 4.67 44.93
CA ARG B 34 -0.96 3.42 44.26
C ARG B 34 -2.29 2.74 43.90
N ASP B 35 -3.03 3.35 42.97
CA ASP B 35 -4.41 2.98 42.64
C ASP B 35 -4.51 1.86 41.59
N HIS B 36 -3.62 0.87 41.73
CA HIS B 36 -3.60 -0.31 40.86
C HIS B 36 -3.28 -1.52 41.70
N LEU B 37 -3.58 -2.70 41.16
CA LEU B 37 -3.27 -3.94 41.87
C LEU B 37 -1.79 -4.21 41.85
N GLU B 38 -1.34 -5.09 42.76
CA GLU B 38 0.04 -5.53 42.80
C GLU B 38 0.39 -6.30 41.50
N PRO B 39 1.67 -6.35 41.08
CA PRO B 39 1.98 -7.02 39.83
C PRO B 39 1.56 -8.47 39.76
N PHE B 40 1.24 -8.92 38.54
CA PHE B 40 0.94 -10.32 38.25
C PHE B 40 2.17 -10.92 37.68
N LYS B 41 2.67 -12.02 38.27
CA LYS B 41 3.81 -12.71 37.67
C LYS B 41 3.33 -13.51 36.45
N PRO B 42 4.22 -13.96 35.54
CA PRO B 42 3.77 -14.81 34.43
C PRO B 42 3.03 -16.05 34.94
N GLY B 43 1.86 -16.31 34.37
CA GLY B 43 1.01 -17.44 34.75
C GLY B 43 0.05 -17.20 35.89
N GLU B 44 0.22 -16.08 36.62
CA GLU B 44 -0.61 -15.81 37.80
C GLU B 44 -2.06 -15.47 37.45
N LYS B 45 -3.00 -16.05 38.23
CA LYS B 45 -4.46 -15.80 38.15
C LYS B 45 -4.88 -15.09 39.43
N ARG B 46 -5.87 -14.20 39.33
CA ARG B 46 -6.38 -13.52 40.52
C ARG B 46 -7.85 -13.19 40.36
N ILE B 47 -8.63 -13.36 41.44
CA ILE B 47 -10.04 -12.92 41.43
C ILE B 47 -9.97 -11.45 41.80
N ILE B 48 -10.33 -10.58 40.85
CA ILE B 48 -10.24 -9.13 41.07
C ILE B 48 -11.55 -8.56 41.64
N ALA B 49 -12.67 -9.26 41.48
CA ALA B 49 -13.98 -8.80 42.00
C ALA B 49 -14.76 -10.01 42.42
N ASP B 50 -15.22 -9.99 43.67
CA ASP B 50 -15.99 -11.10 44.24
C ASP B 50 -17.23 -10.49 44.87
N ILE B 51 -18.35 -10.57 44.16
CA ILE B 51 -19.61 -9.94 44.57
C ILE B 51 -20.56 -11.00 45.09
N LYS B 52 -21.25 -10.71 46.20
CA LYS B 52 -22.25 -11.64 46.74
C LYS B 52 -23.66 -11.16 46.40
N GLY B 53 -24.59 -12.10 46.34
CA GLY B 53 -26.00 -11.77 46.13
C GLY B 53 -26.41 -11.40 44.72
N GLY B 55 -27.53 -8.64 41.63
CA GLY B 55 -27.16 -7.34 41.09
C GLY B 55 -26.98 -7.34 39.60
N VAL B 56 -26.57 -6.19 39.08
CA VAL B 56 -26.34 -6.04 37.64
C VAL B 56 -25.11 -5.18 37.45
N ILE B 57 -24.05 -5.75 36.86
CA ILE B 57 -22.87 -4.94 36.50
C ILE B 57 -23.28 -4.09 35.31
N ASN B 58 -22.97 -2.78 35.33
CA ASN B 58 -23.38 -1.97 34.18
C ASN B 58 -22.30 -1.03 33.69
N HIS B 59 -21.07 -1.11 34.24
CA HIS B 59 -19.93 -0.36 33.72
C HIS B 59 -18.66 -0.99 34.21
N ILE B 60 -17.76 -1.32 33.26
CA ILE B 60 -16.43 -1.82 33.57
C ILE B 60 -15.42 -0.95 32.85
N TRP B 61 -14.37 -0.54 33.54
CA TRP B 61 -13.23 0.17 32.93
C TRP B 61 -11.96 -0.55 33.36
N VAL B 62 -11.01 -0.68 32.44
CA VAL B 62 -9.72 -1.34 32.72
C VAL B 62 -8.60 -0.58 32.01
N THR B 63 -7.42 -0.57 32.63
CA THR B 63 -6.20 -0.25 31.91
C THR B 63 -5.06 -1.07 32.50
N ILE B 64 -4.00 -1.22 31.74
CA ILE B 64 -2.90 -2.10 32.08
C ILE B 64 -1.55 -1.41 31.78
N ALA B 65 -0.57 -1.68 32.62
CA ALA B 65 0.81 -1.26 32.41
C ALA B 65 1.72 -2.49 32.49
N PRO B 66 2.74 -2.61 31.63
CA PRO B 66 3.07 -1.72 30.51
C PRO B 66 2.02 -1.79 29.38
N PRO B 67 2.04 -0.82 28.44
CA PRO B 67 1.06 -0.86 27.34
C PRO B 67 1.52 -1.78 26.21
N PRO B 68 0.69 -2.04 25.19
CA PRO B 68 1.17 -2.80 24.01
C PRO B 68 2.18 -1.95 23.22
N PRO B 69 3.14 -2.52 22.44
CA PRO B 69 3.37 -3.96 22.21
C PRO B 69 4.18 -4.64 23.32
N THR B 70 4.72 -3.87 24.30
CA THR B 70 5.53 -4.42 25.41
C THR B 70 4.77 -5.55 26.12
N LEU B 71 3.51 -5.29 26.46
CA LEU B 71 2.65 -6.30 27.09
C LEU B 71 1.42 -6.46 26.21
N SER B 72 1.30 -7.61 25.55
CA SER B 72 0.19 -7.84 24.64
C SER B 72 -1.09 -8.14 25.42
N ARG B 73 -2.19 -7.43 25.08
CA ARG B 73 -3.47 -7.68 25.75
C ARG B 73 -4.15 -8.93 25.15
N ASN B 74 -3.50 -9.56 24.16
CA ASN B 74 -3.98 -10.86 23.67
C ASN B 74 -3.60 -11.95 24.67
N ASP B 75 -2.63 -11.64 25.56
CA ASP B 75 -2.12 -12.68 26.47
C ASP B 75 -2.49 -12.47 27.93
N ILE B 76 -3.53 -11.68 28.18
CA ILE B 76 -4.12 -11.47 29.50
C ILE B 76 -5.56 -11.91 29.30
N ILE B 77 -6.00 -12.89 30.09
CA ILE B 77 -7.35 -13.43 29.95
C ILE B 77 -8.27 -12.82 30.99
N ILE B 78 -9.50 -12.49 30.57
CA ILE B 78 -10.55 -12.09 31.49
C ILE B 78 -11.59 -13.22 31.50
N ARG B 79 -12.04 -13.60 32.69
CA ARG B 79 -13.08 -14.61 32.86
C ARG B 79 -14.10 -14.13 33.86
N TYR B 81 -17.60 -15.49 36.15
CA TYR B 81 -18.34 -16.63 36.68
C TYR B 81 -19.59 -16.14 37.36
N TRP B 82 -20.77 -16.63 36.94
CA TRP B 82 -22.01 -16.17 37.57
C TRP B 82 -22.62 -17.23 38.45
N ASP B 83 -23.39 -16.77 39.47
CA ASP B 83 -24.25 -17.58 40.31
C ASP B 83 -23.54 -18.75 41.01
N GLY B 84 -22.25 -18.54 41.35
CA GLY B 84 -21.43 -19.51 42.06
C GLY B 84 -20.92 -20.67 41.24
N ASN B 85 -21.07 -20.63 39.90
CA ASN B 85 -20.60 -21.70 39.03
C ASN B 85 -19.07 -21.80 39.02
N ASP B 86 -18.56 -23.03 38.80
CA ASP B 86 -17.12 -23.21 38.79
CA ASP B 86 -17.15 -23.39 38.73
C ASP B 86 -16.57 -23.10 37.36
N TYR B 87 -17.45 -22.86 36.37
CA TYR B 87 -17.05 -22.61 34.98
C TYR B 87 -17.32 -21.16 34.62
N PRO B 88 -16.50 -20.55 33.76
CA PRO B 88 -16.79 -19.17 33.34
C PRO B 88 -17.84 -19.11 32.23
N SER B 89 -18.68 -18.08 32.25
CA SER B 89 -19.64 -17.81 31.16
C SER B 89 -19.09 -16.73 30.21
N VAL B 90 -18.00 -16.07 30.64
CA VAL B 90 -17.23 -15.11 29.84
C VAL B 90 -15.79 -15.60 29.87
N GLU B 91 -15.16 -15.78 28.70
CA GLU B 91 -13.76 -16.18 28.63
C GLU B 91 -13.19 -15.61 27.38
N SER B 92 -12.20 -14.71 27.52
CA SER B 92 -11.57 -14.10 26.37
C SER B 92 -10.26 -13.42 26.71
N PRO B 93 -9.28 -13.41 25.78
CA PRO B 93 -8.16 -12.46 25.90
C PRO B 93 -8.77 -11.06 26.06
N ILE B 94 -8.23 -10.26 26.98
CA ILE B 94 -8.86 -9.02 27.38
C ILE B 94 -8.87 -7.94 26.26
N GLY B 95 -7.79 -7.84 25.47
CA GLY B 95 -7.76 -6.88 24.37
C GLY B 95 -8.89 -7.18 23.39
N PRO B 96 -8.92 -8.42 22.83
CA PRO B 96 -10.01 -8.78 21.90
C PRO B 96 -11.41 -8.61 22.51
N PHE B 97 -11.58 -8.88 23.81
CA PHE B 97 -12.89 -8.70 24.47
C PHE B 97 -13.37 -7.23 24.36
N PHE B 98 -12.43 -6.27 24.52
CA PHE B 98 -12.75 -4.84 24.48
C PHE B 98 -12.52 -4.22 23.08
N GLY B 99 -12.40 -5.04 22.04
CA GLY B 99 -12.26 -4.49 20.69
C GLY B 99 -10.86 -4.00 20.33
N GLN B 100 -9.82 -4.67 20.86
CA GLN B 100 -8.42 -4.36 20.52
C GLN B 100 -7.81 -5.66 20.05
N GLY B 101 -7.68 -5.81 18.74
CA GLY B 101 -7.21 -7.08 18.20
C GLY B 101 -5.73 -7.33 18.34
N TRP B 102 -5.35 -8.61 18.18
CA TRP B 102 -3.95 -9.03 18.11
C TRP B 102 -3.14 -8.47 19.29
N ASP B 103 -1.98 -7.84 19.03
CA ASP B 103 -1.15 -7.22 20.06
C ASP B 103 -1.14 -5.70 19.84
N GLU B 104 -2.23 -5.19 19.27
CA GLU B 104 -2.30 -3.81 18.80
C GLU B 104 -3.04 -2.87 19.75
N ARG B 105 -3.01 -1.58 19.40
CA ARG B 105 -3.72 -0.55 20.17
C ARG B 105 -4.19 0.52 19.19
N TYR B 106 -5.45 0.96 19.36
CA TYR B 106 -6.03 1.99 18.50
C TYR B 106 -7.30 2.50 19.13
N ASN B 107 -7.51 3.83 19.04
CA ASN B 107 -8.73 4.40 19.60
C ASN B 107 -9.95 4.04 18.76
N TYR B 108 -11.07 3.74 19.42
CA TYR B 108 -12.34 3.56 18.72
C TYR B 108 -13.45 3.64 19.76
N ALA B 109 -14.66 3.95 19.28
CA ALA B 109 -15.82 3.98 20.16
C ALA B 109 -17.02 3.30 19.54
N SER B 110 -17.64 2.38 20.28
CA SER B 110 -18.93 1.80 19.89
C SER B 110 -19.85 2.02 21.09
N LEU B 111 -21.14 1.76 20.97
CA LEU B 111 -22.02 1.98 22.10
C LEU B 111 -21.67 1.05 23.29
N PRO B 112 -21.51 -0.29 23.14
CA PRO B 112 -21.21 -1.10 24.33
C PRO B 112 -19.73 -1.16 24.71
N LEU B 113 -18.82 -1.05 23.75
CA LEU B 113 -17.38 -1.26 24.00
C LEU B 113 -16.54 -0.19 23.36
N SER B 114 -15.52 0.29 24.08
CA SER B 114 -14.60 1.30 23.54
C SER B 114 -13.20 1.09 24.04
N ALA B 115 -12.23 1.57 23.24
CA ALA B 115 -10.83 1.63 23.64
C ALA B 115 -10.42 3.05 23.38
N GLY B 116 -10.37 3.84 24.44
CA GLY B 116 -10.10 5.26 24.32
C GLY B 116 -8.67 5.64 24.59
N PRO B 117 -8.39 6.94 24.54
CA PRO B 117 -7.03 7.43 24.78
C PRO B 117 -6.46 6.99 26.15
N GLU B 118 -5.12 6.86 26.31
N GLU B 118 -5.11 6.88 26.30
CA GLU B 118 -4.07 7.15 25.32
CA GLU B 118 -4.10 7.17 25.29
C GLU B 118 -3.94 6.01 24.30
C GLU B 118 -3.97 6.03 24.30
N ASN B 119 -4.18 6.34 23.01
CA ASN B 119 -4.10 5.42 21.86
C ASN B 119 -4.58 3.97 22.20
N GLY B 120 -5.85 3.87 22.55
CA GLY B 120 -6.54 2.60 22.79
C GLY B 120 -6.30 1.90 24.12
N THR B 121 -5.68 2.58 25.11
CA THR B 121 -5.41 1.92 26.39
C THR B 121 -6.54 2.02 27.41
N GLY B 122 -7.50 2.93 27.23
CA GLY B 122 -8.63 3.05 28.16
C GLY B 122 -9.77 2.15 27.74
N LEU B 123 -9.96 1.00 28.42
CA LEU B 123 -10.97 0.02 27.99
C LEU B 123 -12.27 0.17 28.77
N SER B 124 -13.41 0.31 28.06
CA SER B 124 -14.68 0.45 28.77
C SER B 124 -15.77 -0.44 28.15
N CYS B 125 -16.68 -0.89 29.03
CA CYS B 125 -17.75 -1.80 28.64
C CYS B 125 -19.06 -1.39 29.33
N TYR B 126 -20.15 -1.24 28.54
CA TYR B 126 -21.46 -0.88 29.06
C TYR B 126 -22.49 -2.01 28.90
N PHE B 127 -22.06 -3.26 28.58
CA PHE B 127 -23.02 -4.36 28.60
C PHE B 127 -23.51 -4.58 30.04
N ALA B 128 -24.81 -4.80 30.20
CA ALA B 128 -25.39 -5.07 31.53
C ALA B 128 -25.24 -6.57 31.81
N PRO B 130 -26.42 -9.25 34.56
CA PRO B 130 -27.17 -9.61 35.78
C PRO B 130 -26.65 -10.87 36.44
N PHE B 131 -26.91 -11.02 37.75
CA PHE B 131 -26.53 -12.23 38.47
C PHE B 131 -27.42 -12.33 39.69
N GLU B 132 -27.69 -13.56 40.11
CA GLU B 132 -28.58 -13.80 41.25
C GLU B 132 -27.84 -14.33 42.47
N LYS B 133 -26.82 -15.15 42.26
CA LYS B 133 -26.09 -15.76 43.36
C LYS B 133 -24.60 -15.46 43.26
N GLY B 134 -24.29 -14.17 43.15
CA GLY B 134 -22.92 -13.71 43.10
C GLY B 134 -22.28 -13.67 41.73
N ALA B 135 -21.13 -13.01 41.68
CA ALA B 135 -20.33 -12.82 40.48
C ALA B 135 -18.87 -12.81 40.84
N ARG B 136 -18.02 -13.45 40.02
CA ARG B 136 -16.57 -13.41 40.21
CA ARG B 136 -16.57 -13.44 40.20
C ARG B 136 -15.92 -13.05 38.89
N ILE B 137 -14.97 -12.12 38.94
CA ILE B 137 -14.22 -11.68 37.76
C ILE B 137 -12.78 -12.03 38.04
N GLU B 138 -12.17 -12.77 37.11
CA GLU B 138 -10.82 -13.29 37.21
C GLU B 138 -9.94 -12.77 36.09
N ILE B 139 -8.67 -12.46 36.42
CA ILE B 139 -7.68 -12.05 35.43
C ILE B 139 -6.55 -13.07 35.46
N GLU B 140 -6.10 -13.53 34.29
CA GLU B 140 -4.96 -14.47 34.21
CA GLU B 140 -4.98 -14.48 34.21
C GLU B 140 -3.88 -13.91 33.31
N ASN B 141 -2.65 -13.85 33.82
CA ASN B 141 -1.54 -13.36 33.02
C ASN B 141 -0.93 -14.54 32.28
N GLN B 142 -1.18 -14.64 30.96
CA GLN B 142 -0.55 -15.71 30.16
C GLN B 142 0.70 -15.17 29.41
N SER B 143 1.15 -13.94 29.73
CA SER B 143 2.35 -13.36 29.10
CA SER B 143 2.34 -13.41 29.06
C SER B 143 3.60 -13.97 29.75
N ASP B 144 4.75 -13.79 29.11
CA ASP B 144 6.03 -14.25 29.66
C ASP B 144 6.64 -13.17 30.58
N ARG B 145 5.96 -12.04 30.73
CA ARG B 145 6.43 -10.94 31.57
C ARG B 145 5.34 -10.51 32.54
N ASN B 146 5.69 -9.67 33.53
CA ASN B 146 4.70 -9.23 34.50
C ASN B 146 3.65 -8.28 33.96
N ILE B 147 2.47 -8.30 34.59
CA ILE B 147 1.50 -7.22 34.47
C ILE B 147 1.97 -6.29 35.58
N ASP B 148 2.66 -5.19 35.26
CA ASP B 148 3.21 -4.30 36.30
C ASP B 148 2.13 -3.63 37.15
N ALA B 149 1.02 -3.22 36.50
CA ALA B 149 -0.06 -2.53 37.19
C ALA B 149 -1.36 -2.79 36.45
N PHE B 150 -2.36 -3.26 37.18
CA PHE B 150 -3.69 -3.53 36.65
C PHE B 150 -4.66 -2.59 37.34
N TYR B 151 -5.31 -1.73 36.56
CA TYR B 151 -6.27 -0.75 37.06
C TYR B 151 -7.66 -1.14 36.62
N PHE B 152 -8.67 -0.96 37.48
CA PHE B 152 -10.02 -1.24 37.02
C PHE B 152 -11.08 -0.60 37.90
N TYR B 153 -12.29 -0.48 37.32
CA TYR B 153 -13.57 -0.17 37.98
C TYR B 153 -14.56 -1.24 37.57
N VAL B 154 -15.27 -1.81 38.53
CA VAL B 154 -16.42 -2.69 38.26
C VAL B 154 -17.58 -2.02 38.98
N ASP B 155 -18.43 -1.32 38.22
CA ASP B 155 -19.60 -0.60 38.75
C ASP B 155 -20.83 -1.46 38.59
N TYR B 156 -21.60 -1.59 39.66
CA TYR B 156 -22.80 -2.42 39.55
C TYR B 156 -23.89 -1.91 40.46
N LEU B 157 -25.11 -2.40 40.22
CA LEU B 157 -26.26 -2.09 41.05
C LEU B 157 -26.62 -3.30 41.88
N GLU B 158 -26.57 -3.15 43.20
CA GLU B 158 -27.02 -4.19 44.12
C GLU B 158 -28.55 -4.12 44.12
N ALA B 160 -32.28 -5.83 45.72
CA ALA B 160 -32.93 -6.70 46.72
C ALA B 160 -33.66 -7.82 45.99
N LYS B 161 -34.14 -7.51 44.78
CA LYS B 161 -34.83 -8.47 43.94
C LYS B 161 -34.44 -8.22 42.49
N LEU B 162 -33.81 -9.20 41.88
CA LEU B 162 -33.43 -9.13 40.48
C LEU B 162 -34.72 -9.23 39.65
N PRO B 163 -35.00 -8.30 38.68
CA PRO B 163 -36.25 -8.42 37.90
C PRO B 163 -36.39 -9.82 37.30
N LYS B 164 -37.65 -10.12 37.01
N LYS B 164 -37.59 -10.42 37.33
CA LYS B 164 -38.17 -11.26 36.33
CA LYS B 164 -37.82 -11.85 37.00
C LYS B 164 -37.62 -11.23 34.91
C LYS B 164 -37.23 -12.39 35.66
N ASP B 165 -37.19 -12.39 34.41
N ASP B 165 -37.26 -11.61 34.57
CA ASP B 165 -36.70 -12.59 33.05
CA ASP B 165 -36.84 -12.10 33.25
C ASP B 165 -35.30 -11.97 32.77
C ASP B 165 -35.42 -11.67 32.85
N GLY B 167 -31.54 -12.12 31.93
CA GLY B 167 -30.67 -13.17 31.42
C GLY B 167 -29.30 -13.11 32.07
N ARG B 168 -28.37 -13.85 31.49
CA ARG B 168 -26.97 -13.89 31.94
C ARG B 168 -26.07 -13.59 30.76
N PHE B 169 -25.11 -12.69 30.95
CA PHE B 169 -24.20 -12.27 29.89
C PHE B 169 -23.13 -13.33 29.62
N HIS B 170 -22.90 -13.65 28.35
CA HIS B 170 -21.87 -14.60 27.93
C HIS B 170 -21.01 -13.98 26.85
N ALA B 171 -19.74 -14.37 26.79
CA ALA B 171 -18.85 -13.90 25.74
C ALA B 171 -17.78 -14.95 25.53
N TRP B 172 -17.46 -15.26 24.26
CA TRP B 172 -16.52 -16.33 23.98
C TRP B 172 -15.57 -15.96 22.86
N TYR B 173 -14.27 -16.10 23.11
CA TYR B 173 -13.26 -15.89 22.11
C TYR B 173 -12.97 -17.21 21.37
N ASN B 174 -12.91 -17.15 20.04
CA ASN B 174 -12.50 -18.28 19.23
C ASN B 174 -11.43 -17.84 18.26
N HIS B 175 -10.64 -18.81 17.76
CA HIS B 175 -9.60 -18.55 16.79
C HIS B 175 -9.44 -19.76 15.88
N ASN B 176 -9.22 -19.52 14.58
CA ASN B 176 -8.96 -20.58 13.59
CA ASN B 176 -8.90 -20.60 13.63
C ASN B 176 -8.05 -20.07 12.51
N LEU B 177 -7.07 -20.87 12.09
CA LEU B 177 -6.27 -20.61 10.90
C LEU B 177 -7.01 -21.48 9.88
N THR B 178 -7.87 -20.85 9.07
CA THR B 178 -8.81 -21.61 8.24
C THR B 178 -8.14 -22.37 7.09
N GLU B 179 -8.78 -23.49 6.70
CA GLU B 179 -8.24 -24.40 5.71
C GLU B 179 -8.76 -24.07 4.32
N ALA B 180 -7.84 -23.85 3.39
CA ALA B 180 -8.25 -23.66 1.98
C ALA B 180 -8.90 -24.94 1.43
N LEU B 181 -9.65 -24.78 0.33
CA LEU B 181 -10.23 -25.95 -0.34
C LEU B 181 -9.10 -26.83 -0.95
N PRO B 182 -9.35 -28.14 -1.16
CA PRO B 182 -8.29 -29.00 -1.77
C PRO B 182 -7.82 -28.46 -3.13
N GLU B 183 -8.73 -27.88 -3.93
CA GLU B 183 -8.41 -27.31 -5.26
C GLU B 183 -7.73 -25.92 -5.14
N GLY B 184 -7.56 -25.43 -3.92
CA GLY B 184 -6.93 -24.13 -3.69
C GLY B 184 -7.90 -23.00 -3.40
N GLU B 185 -7.35 -21.77 -3.30
CA GLU B 185 -8.08 -20.56 -2.94
C GLU B 185 -8.75 -19.97 -4.18
N THR B 186 -9.83 -20.62 -4.61
CA THR B 186 -10.55 -20.30 -5.84
C THR B 186 -11.46 -19.07 -5.74
N GLU B 187 -11.16 -18.11 -4.83
CA GLU B 187 -12.00 -16.93 -4.70
C GLU B 187 -12.17 -16.23 -6.06
N TRP B 188 -13.41 -15.74 -6.34
CA TRP B 188 -13.79 -15.04 -7.58
C TRP B 188 -13.62 -15.92 -8.83
N GLY B 189 -13.32 -17.21 -8.65
CA GLY B 189 -13.06 -18.12 -9.77
C GLY B 189 -11.78 -17.79 -10.51
N VAL B 190 -10.87 -17.04 -9.86
CA VAL B 190 -9.60 -16.60 -10.48
C VAL B 190 -8.65 -17.79 -10.72
N THR B 191 -8.44 -18.64 -9.72
CA THR B 191 -7.46 -19.76 -9.87
C THR B 191 -8.11 -21.08 -10.28
N GLY B 192 -9.43 -21.15 -10.25
CA GLY B 192 -10.17 -22.35 -10.62
C GLY B 192 -11.66 -22.16 -10.46
N ALA B 193 -12.46 -23.14 -10.91
CA ALA B 193 -13.92 -23.02 -10.83
C ALA B 193 -14.43 -23.04 -9.41
N GLN B 194 -15.41 -22.17 -9.14
CA GLN B 194 -16.07 -22.07 -7.84
C GLN B 194 -17.16 -23.13 -7.76
N LYS B 195 -17.45 -23.56 -6.52
CA LYS B 195 -18.45 -24.59 -6.27
CA LYS B 195 -18.44 -24.59 -6.26
CA LYS B 195 -18.44 -24.60 -6.26
C LYS B 195 -19.44 -24.13 -5.19
N PRO B 196 -20.69 -24.71 -5.15
CA PRO B 196 -21.64 -24.27 -4.11
C PRO B 196 -21.33 -24.83 -2.73
N ASN B 197 -21.65 -24.03 -1.71
CA ASN B 197 -21.57 -24.41 -0.29
C ASN B 197 -22.99 -24.81 0.08
N THR B 198 -23.28 -26.12 0.05
CA THR B 198 -24.65 -26.60 0.25
C THR B 198 -24.95 -27.04 1.70
N THR B 199 -23.96 -27.04 2.60
CA THR B 199 -24.16 -27.50 3.98
C THR B 199 -23.69 -26.50 5.07
N GLY B 200 -22.71 -25.66 4.72
CA GLY B 200 -22.07 -24.75 5.68
C GLY B 200 -21.14 -25.49 6.63
N GLU B 201 -20.86 -26.79 6.36
CA GLU B 201 -20.06 -27.62 7.28
CA GLU B 201 -20.05 -27.68 7.23
C GLU B 201 -18.63 -27.13 7.48
N ARG B 202 -18.04 -26.45 6.48
CA ARG B 202 -16.68 -25.96 6.62
C ARG B 202 -16.62 -24.48 7.07
N ASN B 203 -17.79 -23.88 7.39
CA ASN B 203 -17.83 -22.47 7.84
C ASN B 203 -17.11 -22.28 9.17
N TYR B 204 -16.58 -21.07 9.39
CA TYR B 204 -15.99 -20.74 10.68
C TYR B 204 -17.13 -20.57 11.70
N VAL B 205 -16.97 -21.12 12.92
CA VAL B 205 -18.03 -21.02 13.94
C VAL B 205 -17.62 -20.00 14.99
N PHE B 206 -18.42 -18.94 15.18
CA PHE B 206 -18.04 -17.95 16.19
C PHE B 206 -18.89 -18.06 17.46
N GLU B 208 -21.80 -21.06 19.53
CA GLU B 208 -22.63 -22.25 19.55
C GLU B 208 -23.06 -22.53 20.97
N THR B 209 -24.36 -22.45 21.26
CA THR B 209 -24.84 -22.67 22.62
C THR B 209 -26.23 -23.28 22.63
N GLN B 210 -26.61 -23.83 23.81
CA GLN B 210 -27.92 -24.39 24.08
CA GLN B 210 -27.92 -24.39 24.08
C GLN B 210 -28.55 -23.60 25.21
N GLY B 211 -29.79 -23.17 25.02
CA GLY B 211 -30.54 -22.38 26.00
C GLY B 211 -31.52 -21.47 25.30
N LYS B 212 -32.10 -20.53 26.04
CA LYS B 212 -33.01 -19.53 25.49
C LYS B 212 -32.35 -18.18 25.66
N GLY B 213 -32.28 -17.38 24.59
CA GLY B 213 -31.66 -16.06 24.72
C GLY B 213 -31.55 -15.31 23.42
N HIS B 214 -30.51 -14.50 23.30
CA HIS B 214 -30.31 -13.70 22.09
C HIS B 214 -28.88 -13.25 21.96
N PHE B 215 -28.39 -13.31 20.73
CA PHE B 215 -27.06 -12.89 20.32
C PHE B 215 -27.05 -11.38 20.17
N VAL B 216 -26.01 -10.70 20.72
CA VAL B 216 -25.98 -9.24 20.69
C VAL B 216 -24.69 -8.62 20.09
N GLY B 217 -23.69 -9.40 19.71
CA GLY B 217 -22.53 -8.74 19.11
C GLY B 217 -21.40 -9.62 18.69
N ILE B 218 -20.58 -9.10 17.78
CA ILE B 218 -19.39 -9.79 17.33
C ILE B 218 -18.27 -8.80 17.02
N ASN B 219 -17.07 -9.11 17.54
CA ASN B 219 -15.81 -8.47 17.17
C ASN B 219 -15.13 -9.48 16.27
N TYR B 220 -14.77 -9.07 15.06
CA TYR B 220 -14.21 -9.97 14.03
C TYR B 220 -12.83 -9.46 13.66
N TYR B 221 -11.81 -10.31 13.86
CA TYR B 221 -10.41 -9.97 13.63
C TYR B 221 -9.84 -10.85 12.54
N VAL B 222 -9.65 -10.28 11.33
CA VAL B 222 -9.11 -11.07 10.23
C VAL B 222 -7.69 -10.62 9.88
N HIS B 223 -6.79 -11.60 9.75
CA HIS B 223 -5.47 -11.34 9.23
C HIS B 223 -5.44 -12.13 7.93
N CYS B 224 -5.45 -11.40 6.81
CA CYS B 224 -5.50 -12.00 5.48
C CYS B 224 -4.08 -12.09 4.89
N PRO B 225 -3.65 -13.32 4.48
CA PRO B 225 -2.29 -13.49 3.96
C PRO B 225 -2.22 -13.32 2.44
N THR B 226 -3.33 -12.93 1.81
CA THR B 226 -3.34 -12.67 0.38
C THR B 226 -3.85 -11.25 0.12
N PRO B 227 -3.42 -10.56 -0.99
CA PRO B 227 -4.03 -9.25 -1.29
CA PRO B 227 -4.02 -9.26 -1.30
C PRO B 227 -5.48 -9.41 -1.75
N TRP B 229 -9.49 -10.05 -1.83
CA TRP B 229 -10.58 -9.68 -0.93
C TRP B 229 -10.97 -10.90 -0.08
N TYR B 230 -10.98 -10.72 1.26
CA TYR B 230 -11.22 -11.81 2.20
C TYR B 230 -12.69 -12.04 2.52
N GLY B 231 -13.56 -11.11 2.14
CA GLY B 231 -14.93 -11.11 2.64
C GLY B 231 -16.10 -11.47 1.77
N GLU B 232 -15.91 -12.40 0.80
CA GLU B 232 -17.08 -12.84 0.02
C GLU B 232 -17.99 -13.74 0.84
N GLY B 233 -17.47 -14.28 1.95
CA GLY B 233 -18.18 -15.26 2.77
C GLY B 233 -19.44 -14.78 3.43
N ASP B 234 -20.49 -15.62 3.37
CA ASP B 234 -21.80 -15.31 3.94
C ASP B 234 -21.90 -15.70 5.40
N ASP B 235 -22.62 -14.91 6.20
CA ASP B 235 -22.97 -15.34 7.56
C ASP B 235 -24.10 -16.36 7.41
N TRP B 237 -26.76 -18.67 10.04
CA TRP B 237 -27.25 -18.92 11.38
C TRP B 237 -28.21 -20.09 11.43
N PHE B 238 -27.96 -21.00 12.38
CA PHE B 238 -28.81 -22.16 12.61
C PHE B 238 -29.51 -21.96 13.94
N ILE B 239 -30.82 -21.68 13.88
CA ILE B 239 -31.60 -21.40 15.08
C ILE B 239 -32.38 -22.65 15.52
N ASP B 240 -32.30 -22.99 16.81
CA ASP B 240 -33.09 -24.05 17.44
C ASP B 240 -33.03 -25.41 16.72
N GLY B 241 -31.81 -25.77 16.32
CA GLY B 241 -31.51 -27.06 15.69
C GLY B 241 -32.07 -27.32 14.30
N GLU B 242 -32.53 -26.27 13.60
CA GLU B 242 -33.05 -26.41 12.23
C GLU B 242 -31.96 -26.96 11.30
N LYS B 243 -32.36 -27.77 10.30
CA LYS B 243 -31.37 -28.35 9.38
C LYS B 243 -30.92 -27.32 8.33
N VAL B 244 -31.86 -26.50 7.82
CA VAL B 244 -31.56 -25.46 6.84
C VAL B 244 -31.44 -24.14 7.62
N PRO B 245 -30.31 -23.42 7.53
CA PRO B 245 -30.15 -22.16 8.29
C PRO B 245 -31.21 -21.14 7.88
N SER B 246 -31.90 -20.55 8.86
CA SER B 246 -32.97 -19.61 8.54
CA SER B 246 -32.98 -19.57 8.65
C SER B 246 -32.44 -18.23 8.16
N LEU B 247 -31.24 -17.86 8.62
CA LEU B 247 -30.66 -16.56 8.29
C LEU B 247 -29.40 -16.78 7.48
N ILE B 248 -29.42 -16.38 6.21
CA ILE B 248 -28.26 -16.54 5.32
C ILE B 248 -27.96 -15.20 4.69
N GLY B 249 -26.70 -14.80 4.79
CA GLY B 249 -26.24 -13.53 4.25
C GLY B 249 -25.67 -13.60 2.85
N THR B 250 -25.03 -12.49 2.46
CA THR B 250 -24.50 -12.31 1.11
C THR B 250 -23.01 -12.07 1.04
N GLY B 251 -22.41 -11.64 2.14
CA GLY B 251 -20.99 -11.31 2.16
C GLY B 251 -20.62 -10.82 3.54
N THR B 252 -19.31 -10.74 3.81
CA THR B 252 -18.82 -10.34 5.14
C THR B 252 -18.96 -8.84 5.33
N GLU B 253 -18.53 -8.03 4.32
CA GLU B 253 -18.71 -6.58 4.46
C GLU B 253 -20.21 -6.26 4.52
N ASP B 254 -21.04 -7.04 3.78
CA ASP B 254 -22.49 -6.89 3.73
C ASP B 254 -23.11 -7.12 5.11
N PHE B 255 -22.67 -8.20 5.78
CA PHE B 255 -23.07 -8.53 7.14
C PHE B 255 -22.68 -7.40 8.09
N PHE B 256 -21.55 -6.72 7.82
CA PHE B 256 -21.09 -5.61 8.67
C PHE B 256 -21.63 -4.24 8.18
N ASN B 257 -22.77 -4.27 7.46
CA ASN B 257 -23.48 -3.06 6.97
C ASN B 257 -22.66 -2.20 6.04
N THR B 258 -21.72 -2.81 5.30
CA THR B 258 -20.88 -2.08 4.35
C THR B 258 -20.98 -2.79 3.00
N ALA B 259 -20.18 -2.36 2.02
CA ALA B 259 -20.34 -2.88 0.67
C ALA B 259 -19.12 -2.68 -0.18
N TRP B 260 -19.04 -3.45 -1.28
CA TRP B 260 -18.01 -3.21 -2.30
C TRP B 260 -16.56 -3.34 -1.79
N CYS B 261 -16.27 -4.43 -1.02
CA CYS B 261 -14.90 -4.75 -0.58
C CYS B 261 -14.21 -3.52 0.04
N PRO B 262 -14.80 -2.91 1.09
CA PRO B 262 -14.22 -1.67 1.63
C PRO B 262 -12.98 -1.91 2.47
N LYS B 263 -12.20 -0.85 2.69
CA LYS B 263 -11.04 -0.92 3.57
C LYS B 263 -10.78 0.47 4.12
N GLU B 264 -11.88 1.12 4.56
N GLU B 264 -11.87 1.11 4.58
CA GLU B 264 -11.90 2.48 5.11
CA GLU B 264 -11.86 2.46 5.14
C GLU B 264 -12.32 2.45 6.57
C GLU B 264 -12.30 2.43 6.59
N ALA B 265 -11.65 3.24 7.44
CA ALA B 265 -12.08 3.36 8.85
C ALA B 265 -13.48 4.01 8.88
N PHE B 266 -14.36 3.50 9.74
CA PHE B 266 -15.73 3.97 9.82
C PHE B 266 -16.29 3.66 11.18
N SER B 267 -17.13 4.56 11.69
CA SER B 267 -17.70 4.40 13.01
C SER B 267 -19.20 4.73 13.07
N HIS B 268 -19.95 3.77 13.60
CA HIS B 268 -21.35 3.88 13.94
C HIS B 268 -21.50 3.25 15.34
N PRO B 269 -22.42 3.73 16.19
CA PRO B 269 -22.59 3.09 17.52
C PRO B 269 -22.76 1.56 17.46
N TYR B 270 -23.35 1.02 16.36
CA TYR B 270 -23.62 -0.42 16.22
C TYR B 270 -22.66 -1.19 15.31
N PHE B 271 -21.84 -0.51 14.49
CA PHE B 271 -20.97 -1.25 13.57
C PHE B 271 -19.84 -0.37 13.13
N GLY B 272 -18.75 -0.98 12.69
CA GLY B 272 -17.63 -0.18 12.23
C GLY B 272 -16.37 -0.95 11.92
N TYR B 273 -15.39 -0.24 11.39
CA TYR B 273 -14.07 -0.72 11.02
C TYR B 273 -13.03 0.10 11.77
N PRO B 274 -12.66 -0.30 13.00
CA PRO B 274 -11.69 0.52 13.77
C PRO B 274 -10.24 0.36 13.33
N ARG B 275 -9.93 -0.70 12.56
CA ARG B 275 -8.56 -0.96 12.11
C ARG B 275 -8.65 -1.59 10.73
N VAL B 276 -8.02 -0.95 9.72
CA VAL B 276 -8.10 -1.43 8.33
C VAL B 276 -6.69 -1.80 7.86
N ASN B 277 -6.60 -2.58 6.75
CA ASN B 277 -5.33 -3.20 6.39
C ASN B 277 -4.24 -2.25 5.88
N ASN B 278 -4.62 -1.12 5.25
CA ASN B 278 -3.65 -0.10 4.81
CA ASN B 278 -3.67 -0.09 4.76
C ASN B 278 -2.48 -0.73 4.01
N ASP B 279 -2.81 -1.52 3.00
CA ASP B 279 -1.78 -2.15 2.17
C ASP B 279 -2.44 -2.53 0.85
N ILE B 280 -1.67 -3.17 -0.07
CA ILE B 280 -2.21 -3.64 -1.34
C ILE B 280 -3.44 -4.51 -1.11
N GLY B 281 -4.47 -4.30 -1.93
CA GLY B 281 -5.69 -5.09 -1.81
C GLY B 281 -6.17 -5.15 -0.37
N TRP B 282 -6.38 -6.37 0.15
CA TRP B 282 -6.87 -6.52 1.52
C TRP B 282 -5.86 -7.33 2.35
N LEU B 283 -4.58 -7.31 1.91
CA LEU B 283 -3.49 -7.99 2.61
C LEU B 283 -3.24 -7.34 3.98
N GLY B 284 -3.20 -8.17 5.02
CA GLY B 284 -2.95 -7.65 6.37
C GLY B 284 -4.16 -7.76 7.28
N ARG B 285 -4.23 -6.84 8.27
CA ARG B 285 -5.20 -6.97 9.34
C ARG B 285 -6.36 -6.00 9.25
N THR B 286 -7.57 -6.53 9.49
CA THR B 286 -8.79 -5.75 9.53
C THR B 286 -9.60 -6.17 10.76
N HIS B 287 -10.08 -5.17 11.51
CA HIS B 287 -11.01 -5.42 12.63
C HIS B 287 -12.33 -4.82 12.25
N VAL B 288 -13.41 -5.64 12.28
CA VAL B 288 -14.76 -5.19 12.00
C VAL B 288 -15.64 -5.58 13.20
N TYR B 289 -16.66 -4.76 13.50
CA TYR B 289 -17.59 -5.18 14.56
C TYR B 289 -19.03 -4.86 14.16
N ARG B 290 -19.96 -5.57 14.78
CA ARG B 290 -21.39 -5.29 14.65
C ARG B 290 -22.06 -5.72 15.92
N PHE B 291 -22.83 -4.78 16.51
CA PHE B 291 -23.64 -5.05 17.70
C PHE B 291 -25.11 -5.10 17.29
N PHE B 292 -25.81 -6.11 17.80
CA PHE B 292 -27.21 -6.39 17.51
C PHE B 292 -28.01 -6.00 18.76
N ILE B 293 -28.15 -4.69 18.98
CA ILE B 293 -28.82 -4.13 20.15
C ILE B 293 -30.29 -3.92 19.85
N GLU B 294 -30.57 -3.22 18.73
CA GLU B 294 -31.94 -3.02 18.28
C GLU B 294 -32.46 -4.27 17.62
N ASP B 295 -31.54 -5.11 17.07
CA ASP B 295 -31.92 -6.26 16.25
C ASP B 295 -31.19 -7.56 16.65
N PRO B 296 -31.38 -8.03 17.90
CA PRO B 296 -30.69 -9.27 18.32
C PRO B 296 -31.14 -10.50 17.56
N ILE B 297 -30.32 -11.57 17.63
CA ILE B 297 -30.71 -12.83 17.01
C ILE B 297 -31.18 -13.75 18.16
N PHE B 298 -32.50 -13.89 18.27
CA PHE B 298 -33.19 -14.66 19.30
C PHE B 298 -33.18 -16.15 19.04
N PHE B 299 -33.24 -16.94 20.12
CA PHE B 299 -33.32 -18.40 20.02
C PHE B 299 -34.02 -18.93 21.27
N GLU B 300 -34.80 -19.99 21.10
CA GLU B 300 -35.55 -20.62 22.19
CA GLU B 300 -35.52 -20.57 22.24
C GLU B 300 -34.82 -21.82 22.78
N LYS B 301 -34.03 -22.51 21.95
CA LYS B 301 -33.38 -23.76 22.34
C LYS B 301 -31.88 -23.78 22.06
N SER B 302 -31.43 -23.19 20.95
CA SER B 302 -30.00 -23.22 20.58
C SER B 302 -29.69 -22.23 19.49
N LEU B 303 -28.42 -21.90 19.36
CA LEU B 303 -28.00 -21.04 18.26
C LEU B 303 -26.61 -21.45 17.84
N LYS B 304 -26.37 -21.52 16.53
CA LYS B 304 -25.04 -21.73 15.97
C LYS B 304 -24.83 -20.62 14.94
N GLY B 305 -23.90 -19.71 15.27
CA GLY B 305 -23.54 -18.56 14.45
C GLY B 305 -22.26 -18.85 13.69
N THR B 306 -22.34 -18.81 12.35
CA THR B 306 -21.20 -19.18 11.48
C THR B 306 -21.00 -18.19 10.35
N ILE B 307 -19.83 -18.26 9.71
CA ILE B 307 -19.55 -17.40 8.58
C ILE B 307 -18.54 -18.10 7.69
N GLU B 308 -18.73 -18.02 6.35
CA GLU B 308 -17.77 -18.59 5.41
C GLU B 308 -16.43 -17.85 5.50
N HIS B 309 -15.32 -18.57 5.28
CA HIS B 309 -13.99 -17.97 5.20
C HIS B 309 -13.62 -17.93 3.71
N GLY B 310 -14.13 -16.88 3.03
CA GLY B 310 -14.08 -16.77 1.59
C GLY B 310 -15.30 -17.51 1.04
N SER B 311 -15.69 -17.24 -0.22
CA SER B 311 -16.85 -17.97 -0.79
C SER B 311 -16.57 -19.48 -0.78
N ASN B 312 -17.57 -20.27 -0.33
CA ASN B 312 -17.45 -21.74 -0.19
C ASN B 312 -16.18 -22.11 0.63
N ASN B 313 -15.80 -21.23 1.60
CA ASN B 313 -14.69 -21.48 2.53
C ASN B 313 -13.39 -21.81 1.80
N ASN B 314 -13.11 -21.07 0.71
CA ASN B 314 -11.93 -21.39 -0.10
C ASN B 314 -10.62 -20.84 0.49
N LEU B 315 -10.69 -19.77 1.32
CA LEU B 315 -9.48 -19.09 1.75
C LEU B 315 -8.86 -19.55 3.04
N THR B 316 -7.52 -19.42 3.11
CA THR B 316 -6.75 -19.54 4.35
C THR B 316 -6.74 -18.15 4.99
N LEU B 317 -7.45 -18.00 6.12
CA LEU B 317 -7.48 -16.75 6.87
C LEU B 317 -7.10 -17.01 8.30
N ASP B 318 -6.42 -16.05 8.94
CA ASP B 318 -6.17 -16.14 10.37
C ASP B 318 -7.33 -15.36 10.97
N LEU B 319 -8.31 -16.08 11.55
CA LEU B 319 -9.50 -15.44 12.07
CA LEU B 319 -9.54 -15.48 12.07
C LEU B 319 -9.67 -15.63 13.56
N SER B 320 -10.01 -14.54 14.26
CA SER B 320 -10.42 -14.67 15.64
CA SER B 320 -10.36 -14.57 15.68
C SER B 320 -11.65 -13.81 15.84
N THR B 321 -12.49 -14.22 16.79
CA THR B 321 -13.73 -13.51 17.06
C THR B 321 -14.04 -13.54 18.52
N VAL B 322 -14.80 -12.54 18.96
CA VAL B 322 -15.44 -12.56 20.27
C VAL B 322 -16.92 -12.41 19.99
N ALA B 323 -17.72 -13.37 20.47
CA ALA B 323 -19.19 -13.33 20.34
C ALA B 323 -19.78 -13.00 21.69
N TYR B 324 -20.82 -12.13 21.72
CA TYR B 324 -21.50 -11.67 22.94
C TYR B 324 -22.97 -12.02 22.87
N TRP B 325 -23.52 -12.54 23.97
CA TRP B 325 -24.94 -12.90 23.95
C TRP B 325 -25.48 -13.00 25.37
N TYR B 326 -26.81 -13.14 25.44
CA TYR B 326 -27.51 -13.40 26.69
C TYR B 326 -28.22 -14.73 26.62
N GLN B 327 -28.32 -15.45 27.75
CA GLN B 327 -29.19 -16.62 27.77
C GLN B 327 -29.82 -16.74 29.17
N ASP B 328 -30.82 -17.64 29.32
CA ASP B 328 -31.65 -17.75 30.52
CA ASP B 328 -31.64 -17.72 30.52
C ASP B 328 -30.86 -18.11 31.79
N SER B 329 -29.75 -18.84 31.66
CA SER B 329 -28.95 -19.21 32.83
C SER B 329 -27.47 -19.13 32.45
N ALA B 330 -26.57 -19.16 33.45
CA ALA B 330 -25.14 -19.10 33.17
C ALA B 330 -24.69 -20.49 32.75
N VAL B 331 -24.17 -20.61 31.51
CA VAL B 331 -23.72 -21.90 30.99
C VAL B 331 -22.21 -21.87 30.68
N ALA B 332 -21.64 -23.07 30.48
CA ALA B 332 -20.23 -23.23 30.17
C ALA B 332 -19.96 -22.90 28.69
N LEU B 333 -18.69 -22.67 28.37
CA LEU B 333 -18.24 -22.35 27.03
C LEU B 333 -17.36 -23.47 26.48
N PRO B 334 -17.13 -23.50 25.15
CA PRO B 334 -16.18 -24.49 24.59
C PRO B 334 -14.76 -24.18 25.10
N GLU B 335 -13.84 -25.17 25.00
CA GLU B 335 -12.47 -24.97 25.45
C GLU B 335 -11.83 -23.81 24.70
N ALA B 336 -11.05 -23.03 25.42
CA ALA B 336 -10.40 -21.88 24.84
C ALA B 336 -9.23 -22.29 23.94
N PRO B 337 -8.95 -21.51 22.87
CA PRO B 337 -7.67 -21.69 22.15
C PRO B 337 -6.50 -21.48 23.13
N THR B 338 -5.39 -22.20 22.94
CA THR B 338 -4.21 -21.97 23.78
C THR B 338 -3.53 -20.64 23.38
N LYS B 339 -2.59 -20.18 24.22
CA LYS B 339 -1.77 -19.00 23.90
C LYS B 339 -1.08 -19.16 22.54
N ALA B 340 -0.49 -20.35 22.31
CA ALA B 340 0.21 -20.59 21.05
C ALA B 340 -0.74 -20.56 19.87
N GLN B 341 -1.94 -21.16 20.03
CA GLN B 341 -2.94 -21.22 18.95
C GLN B 341 -3.41 -19.83 18.53
N ARG B 342 -3.57 -18.90 19.50
CA ARG B 342 -4.09 -17.56 19.18
C ARG B 342 -2.97 -16.52 18.96
N ALA B 343 -1.71 -16.95 18.84
CA ALA B 343 -0.63 -15.99 18.63
C ALA B 343 -0.81 -15.22 17.31
N PRO B 344 -0.61 -13.90 17.32
CA PRO B 344 -0.69 -13.12 16.05
C PRO B 344 0.31 -13.66 15.04
N LYS B 345 -0.09 -13.68 13.76
CA LYS B 345 0.80 -14.18 12.72
C LYS B 345 1.64 -13.05 12.11
N PRO B 346 2.80 -13.37 11.49
CA PRO B 346 3.58 -12.31 10.84
C PRO B 346 2.86 -11.72 9.64
N PHE B 347 3.13 -10.46 9.37
CA PHE B 347 2.58 -9.82 8.18
C PHE B 347 3.31 -10.36 6.96
N ILE B 348 2.55 -10.77 5.93
CA ILE B 348 3.14 -11.13 4.63
C ILE B 348 3.82 -9.86 4.07
N ASN B 349 5.05 -10.02 3.57
CA ASN B 349 5.80 -8.86 3.13
C ASN B 349 6.32 -9.00 1.70
N HIS B 350 7.06 -7.96 1.23
CA HIS B 350 7.58 -7.95 -0.15
C HIS B 350 8.54 -9.11 -0.45
N VAL B 351 9.29 -9.63 0.55
CA VAL B 351 10.18 -10.77 0.34
C VAL B 351 9.32 -12.03 0.08
N ASP B 352 8.30 -12.27 0.93
CA ASP B 352 7.41 -13.42 0.74
C ASP B 352 6.78 -13.40 -0.65
N ILE B 353 6.25 -12.23 -1.05
CA ILE B 353 5.56 -12.12 -2.33
C ILE B 353 6.55 -12.27 -3.51
N HIS B 354 7.80 -11.83 -3.34
CA HIS B 354 8.79 -12.05 -4.41
C HIS B 354 9.04 -13.56 -4.60
N ARG B 355 8.99 -14.34 -3.48
CA ARG B 355 9.12 -15.80 -3.54
CA ARG B 355 9.13 -15.79 -3.55
C ARG B 355 7.92 -16.39 -4.28
N TRP B 356 6.71 -15.82 -4.05
CA TRP B 356 5.52 -16.33 -4.76
C TRP B 356 5.69 -16.05 -6.24
N ARG B 357 6.14 -14.82 -6.57
CA ARG B 357 6.39 -14.44 -7.97
C ARG B 357 7.36 -15.43 -8.63
N ASP B 358 8.43 -15.83 -7.91
CA ASP B 358 9.40 -16.77 -8.46
C ASP B 358 8.76 -18.12 -8.79
N ALA B 359 7.95 -18.66 -7.85
CA ALA B 359 7.27 -19.94 -8.12
C ALA B 359 6.34 -19.80 -9.30
N TRP B 360 5.64 -18.67 -9.38
CA TRP B 360 4.72 -18.41 -10.47
C TRP B 360 5.49 -18.31 -11.80
N ARG B 361 6.61 -17.58 -11.83
CA ARG B 361 7.40 -17.47 -13.08
C ARG B 361 7.89 -18.85 -13.56
N LYS B 362 8.32 -19.71 -12.61
CA LYS B 362 8.80 -21.07 -12.94
C LYS B 362 7.63 -21.94 -13.45
N SER B 363 6.41 -21.72 -12.94
CA SER B 363 5.21 -22.45 -13.40
C SER B 363 4.85 -22.04 -14.84
N LYS B 364 5.35 -20.87 -15.31
CA LYS B 364 5.08 -20.34 -16.65
C LYS B 364 6.29 -20.54 -17.59
N GLY B 365 7.21 -21.41 -17.21
CA GLY B 365 8.37 -21.74 -18.03
C GLY B 365 9.61 -20.88 -17.81
N ASN B 366 9.59 -20.02 -16.77
CA ASN B 366 10.71 -19.15 -16.38
C ASN B 366 11.18 -18.24 -17.54
N LYS B 367 10.21 -17.72 -18.35
CA LYS B 367 10.51 -16.82 -19.46
CA LYS B 367 10.48 -16.81 -19.47
C LYS B 367 11.03 -15.51 -18.88
N ALA B 368 12.14 -15.02 -19.42
CA ALA B 368 12.88 -13.86 -18.93
C ALA B 368 12.10 -12.53 -18.90
N THR B 369 10.99 -12.42 -19.65
CA THR B 369 10.25 -11.17 -19.73
C THR B 369 8.81 -11.29 -19.22
N LEU B 370 8.53 -12.29 -18.36
CA LEU B 370 7.19 -12.38 -17.76
C LEU B 370 6.91 -11.16 -16.93
N TRP B 371 5.76 -10.54 -17.20
CA TRP B 371 5.38 -9.34 -16.46
C TRP B 371 4.76 -9.69 -15.11
N GLY B 372 3.79 -10.61 -15.09
CA GLY B 372 3.11 -10.99 -13.87
C GLY B 372 1.61 -11.12 -14.01
N ASN B 373 1.06 -10.64 -15.14
CA ASN B 373 -0.39 -10.68 -15.37
C ASN B 373 -0.77 -11.75 -16.41
N GLU B 374 0.21 -12.56 -16.86
CA GLU B 374 0.00 -13.64 -17.85
C GLU B 374 -0.89 -14.75 -17.25
#